data_5UW8
#
_entry.id   5UW8
#
_cell.length_a   139.660
_cell.length_b   103.820
_cell.length_c   77.210
_cell.angle_alpha   90.00
_cell.angle_beta   111.03
_cell.angle_gamma   90.00
#
_symmetry.space_group_name_H-M   'C 1 2 1'
#
loop_
_entity.id
_entity.type
_entity.pdbx_description
1 polymer 'Probable phospholipid ABC transporter-binding protein MlaD'
2 water water
#
_entity_poly.entity_id   1
_entity_poly.type   'polypeptide(L)'
_entity_poly.pdbx_seq_one_letter_code
;MHHHHHHENLYFQTSIRTEPTYTLYATFDNIGGLKARSPVSIGGVVVGRVADITLDPKTYLPRVTLEIEQRYNHIPDTSS
LSIRTSGLLGEQYLALNVGFEDPELGTAILKDGDTIQDTKSA
;
_entity_poly.pdbx_strand_id   A,B,C,D,E,F,G
#
# COMPACT_ATOMS: atom_id res chain seq x y z
N THR A 18 30.84 -11.83 24.84
CA THR A 18 30.47 -12.46 23.59
C THR A 18 30.47 -13.99 23.73
N GLU A 19 29.50 -14.63 23.09
CA GLU A 19 29.39 -16.08 23.14
C GLU A 19 30.35 -16.72 22.13
N PRO A 20 31.17 -17.68 22.57
CA PRO A 20 32.03 -18.33 21.57
C PRO A 20 31.18 -19.12 20.57
N THR A 21 31.80 -19.59 19.50
CA THR A 21 31.05 -20.27 18.45
C THR A 21 31.84 -21.41 17.82
N TYR A 22 31.14 -22.25 17.08
CA TYR A 22 31.77 -23.26 16.24
C TYR A 22 31.17 -23.11 14.86
N THR A 23 31.88 -23.63 13.86
N THR A 23 31.86 -23.62 13.85
CA THR A 23 31.55 -23.42 12.45
CA THR A 23 31.45 -23.35 12.47
C THR A 23 30.86 -24.63 11.81
C THR A 23 30.91 -24.59 11.77
N LEU A 24 29.89 -24.35 10.95
CA LEU A 24 29.25 -25.38 10.12
C LEU A 24 29.17 -24.89 8.68
N TYR A 25 29.15 -25.81 7.73
CA TYR A 25 29.04 -25.48 6.31
C TYR A 25 27.69 -25.93 5.76
N ALA A 26 27.24 -25.24 4.71
CA ALA A 26 26.02 -25.63 4.02
C ALA A 26 26.06 -25.14 2.58
N THR A 27 25.66 -26.00 1.65
CA THR A 27 25.62 -25.66 0.24
C THR A 27 24.18 -25.48 -0.23
N PHE A 28 23.94 -24.40 -0.96
CA PHE A 28 22.64 -24.11 -1.55
C PHE A 28 22.77 -24.01 -3.06
N ASP A 29 21.64 -24.10 -3.77
CA ASP A 29 21.64 -23.84 -5.20
C ASP A 29 21.66 -22.35 -5.45
N ASN A 30 20.97 -21.61 -4.57
CA ASN A 30 20.91 -20.17 -4.67
C ASN A 30 20.72 -19.59 -3.27
N ILE A 31 21.62 -18.69 -2.87
CA ILE A 31 21.57 -18.11 -1.53
C ILE A 31 20.71 -16.84 -1.53
N GLY A 32 20.28 -16.40 -2.70
CA GLY A 32 19.39 -15.26 -2.81
C GLY A 32 19.95 -13.99 -2.21
N GLY A 33 19.21 -13.40 -1.29
CA GLY A 33 19.60 -12.16 -0.64
C GLY A 33 20.41 -12.39 0.62
N LEU A 34 20.77 -13.63 0.89
CA LEU A 34 21.57 -13.96 2.06
C LEU A 34 22.93 -13.29 1.95
N LYS A 35 23.42 -12.78 3.07
CA LYS A 35 24.71 -12.09 3.10
C LYS A 35 25.42 -12.36 4.42
N ALA A 36 26.64 -11.84 4.55
CA ALA A 36 27.38 -11.97 5.80
C ALA A 36 26.59 -11.33 6.93
N ARG A 37 26.75 -11.88 8.14
CA ARG A 37 26.06 -11.41 9.34
C ARG A 37 24.55 -11.66 9.31
N SER A 38 24.06 -12.34 8.27
CA SER A 38 22.65 -12.75 8.24
C SER A 38 22.41 -13.75 9.37
N PRO A 39 21.26 -13.64 10.05
CA PRO A 39 21.07 -14.50 11.23
C PRO A 39 20.70 -15.94 10.92
N VAL A 40 21.14 -16.84 11.79
CA VAL A 40 20.70 -18.22 11.79
C VAL A 40 19.84 -18.41 13.03
N SER A 41 18.63 -18.94 12.84
CA SER A 41 17.69 -19.04 13.95
C SER A 41 17.06 -20.42 14.06
N ILE A 42 16.71 -20.79 15.29
CA ILE A 42 15.94 -21.99 15.57
C ILE A 42 14.65 -21.59 16.27
N GLY A 43 13.52 -21.86 15.61
CA GLY A 43 12.23 -21.49 16.14
C GLY A 43 12.10 -19.99 16.33
N GLY A 44 12.78 -19.22 15.48
CA GLY A 44 12.72 -17.78 15.52
C GLY A 44 13.77 -17.17 16.43
N VAL A 45 14.42 -17.99 17.24
CA VAL A 45 15.46 -17.52 18.14
C VAL A 45 16.82 -17.59 17.45
N VAL A 46 17.50 -16.44 17.38
CA VAL A 46 18.79 -16.38 16.72
C VAL A 46 19.86 -17.09 17.55
N VAL A 47 20.52 -18.06 16.92
CA VAL A 47 21.54 -18.87 17.59
C VAL A 47 22.89 -18.77 16.88
N GLY A 48 22.91 -18.11 15.73
CA GLY A 48 24.14 -17.96 14.97
C GLY A 48 23.98 -16.99 13.82
N ARG A 49 25.01 -16.88 12.99
CA ARG A 49 25.00 -15.96 11.86
C ARG A 49 25.86 -16.45 10.70
N VAL A 50 25.56 -15.97 9.51
CA VAL A 50 26.37 -16.26 8.33
C VAL A 50 27.69 -15.51 8.42
N ALA A 51 28.78 -16.25 8.48
CA ALA A 51 30.11 -15.65 8.58
C ALA A 51 30.63 -15.28 7.21
N ASP A 52 30.31 -16.11 6.21
CA ASP A 52 30.87 -15.93 4.89
C ASP A 52 30.13 -16.74 3.83
N ILE A 53 30.14 -16.23 2.59
CA ILE A 53 29.57 -16.93 1.45
C ILE A 53 30.55 -16.94 0.27
N THR A 54 30.88 -18.13 -0.22
CA THR A 54 31.81 -18.28 -1.34
C THR A 54 31.34 -19.34 -2.33
N LEU A 55 31.72 -19.16 -3.59
CA LEU A 55 31.44 -20.18 -4.59
C LEU A 55 32.48 -21.28 -4.56
N ASP A 56 31.98 -22.51 -4.51
CA ASP A 56 32.81 -23.70 -4.53
C ASP A 56 33.58 -23.79 -5.86
N PRO A 57 34.91 -23.84 -5.80
CA PRO A 57 35.70 -23.78 -7.04
C PRO A 57 35.48 -24.98 -7.96
N LYS A 58 35.05 -26.10 -7.39
CA LYS A 58 34.97 -27.34 -8.14
C LYS A 58 33.55 -27.52 -8.73
N THR A 59 32.54 -27.11 -7.97
CA THR A 59 31.13 -27.25 -8.39
C THR A 59 30.43 -25.95 -8.77
N TYR A 60 31.02 -24.81 -8.40
CA TYR A 60 30.40 -23.51 -8.60
C TYR A 60 29.05 -23.43 -7.87
N LEU A 61 28.94 -24.13 -6.76
CA LEU A 61 27.76 -24.04 -5.90
C LEU A 61 28.04 -23.15 -4.69
N PRO A 62 27.11 -22.24 -4.36
CA PRO A 62 27.30 -21.40 -3.17
C PRO A 62 27.46 -22.22 -1.90
N ARG A 63 28.55 -21.99 -1.17
CA ARG A 63 28.75 -22.58 0.14
C ARG A 63 28.72 -21.49 1.21
N VAL A 64 27.84 -21.67 2.18
N VAL A 64 27.83 -21.62 2.17
CA VAL A 64 27.72 -20.74 3.30
CA VAL A 64 27.76 -20.67 3.27
C VAL A 64 28.51 -21.24 4.50
C VAL A 64 28.52 -21.22 4.48
N THR A 65 29.27 -20.35 5.13
CA THR A 65 29.97 -20.69 6.37
C THR A 65 29.18 -20.07 7.52
N LEU A 66 28.71 -20.92 8.43
CA LEU A 66 27.90 -20.48 9.56
C LEU A 66 28.67 -20.51 10.86
N GLU A 67 28.40 -19.55 11.74
CA GLU A 67 28.90 -19.58 13.11
C GLU A 67 27.78 -19.83 14.11
N ILE A 68 27.80 -20.98 14.77
CA ILE A 68 26.79 -21.36 15.75
C ILE A 68 27.37 -21.26 17.15
N GLU A 69 26.58 -20.70 18.08
CA GLU A 69 27.00 -20.59 19.48
C GLU A 69 27.26 -21.98 20.07
N GLN A 70 28.39 -22.15 20.75
CA GLN A 70 28.81 -23.46 21.22
C GLN A 70 27.85 -24.05 22.26
N ARG A 71 27.07 -23.21 22.93
CA ARG A 71 26.13 -23.73 23.92
C ARG A 71 25.08 -24.59 23.21
N TYR A 72 24.89 -24.34 21.92
CA TYR A 72 24.00 -25.14 21.10
C TYR A 72 24.82 -26.10 20.21
N ASN A 73 25.48 -27.05 20.87
CA ASN A 73 26.39 -27.98 20.19
C ASN A 73 25.87 -29.41 20.20
N HIS A 74 24.53 -29.54 20.25
CA HIS A 74 23.88 -30.85 20.18
C HIS A 74 22.85 -30.86 19.06
N ILE A 75 23.24 -30.27 17.94
CA ILE A 75 22.40 -30.23 16.74
C ILE A 75 22.59 -31.52 15.93
N PRO A 76 21.51 -32.28 15.71
CA PRO A 76 21.63 -33.52 14.94
C PRO A 76 22.08 -33.28 13.50
N ASP A 77 22.85 -34.19 12.94
CA ASP A 77 23.30 -34.05 11.56
C ASP A 77 22.15 -34.29 10.58
N THR A 78 21.00 -34.69 11.12
CA THR A 78 19.79 -34.84 10.33
C THR A 78 19.04 -33.51 10.24
N SER A 79 19.59 -32.47 10.85
CA SER A 79 18.97 -31.15 10.82
C SER A 79 19.00 -30.57 9.42
N SER A 80 18.13 -29.61 9.15
N SER A 80 18.15 -29.58 9.17
CA SER A 80 18.04 -28.96 7.85
CA SER A 80 18.08 -28.95 7.85
C SER A 80 18.17 -27.44 7.95
C SER A 80 18.15 -27.43 7.94
N LEU A 81 18.55 -26.81 6.84
CA LEU A 81 18.62 -25.35 6.75
C LEU A 81 17.73 -24.87 5.61
N SER A 82 16.95 -23.83 5.88
CA SER A 82 16.08 -23.23 4.87
C SER A 82 16.32 -21.74 4.80
N ILE A 83 16.40 -21.20 3.58
CA ILE A 83 16.49 -19.76 3.41
C ILE A 83 15.08 -19.21 3.46
N ARG A 84 14.86 -18.25 4.36
CA ARG A 84 13.54 -17.69 4.57
C ARG A 84 13.60 -16.19 4.74
N THR A 85 12.44 -15.56 4.64
CA THR A 85 12.31 -14.11 4.62
C THR A 85 11.58 -13.58 5.85
N SER A 86 11.97 -12.38 6.29
CA SER A 86 11.28 -11.74 7.40
C SER A 86 10.32 -10.73 6.80
N GLY A 87 9.17 -10.57 7.44
CA GLY A 87 8.05 -9.82 6.90
C GLY A 87 8.23 -8.40 6.41
N LEU A 88 8.91 -7.55 7.18
CA LEU A 88 8.78 -6.11 6.99
C LEU A 88 9.62 -5.48 5.87
N LEU A 89 10.72 -6.12 5.48
CA LEU A 89 11.67 -5.51 4.55
C LEU A 89 12.24 -6.51 3.54
N GLY A 90 11.83 -7.77 3.67
CA GLY A 90 12.25 -8.81 2.75
C GLY A 90 13.68 -9.26 2.99
N GLU A 91 14.23 -8.91 4.15
CA GLU A 91 15.55 -9.38 4.56
C GLU A 91 15.51 -10.89 4.80
N GLN A 92 16.53 -11.59 4.31
CA GLN A 92 16.57 -13.05 4.38
C GLN A 92 17.40 -13.59 5.53
N TYR A 93 17.05 -14.79 5.98
CA TYR A 93 17.76 -15.45 7.07
C TYR A 93 17.74 -16.96 6.88
N LEU A 94 18.51 -17.66 7.71
CA LEU A 94 18.54 -19.12 7.71
C LEU A 94 17.76 -19.70 8.87
N ALA A 95 16.74 -20.49 8.55
CA ALA A 95 15.99 -21.22 9.56
C ALA A 95 16.56 -22.63 9.69
N LEU A 96 17.15 -22.91 10.85
CA LEU A 96 17.67 -24.24 11.13
C LEU A 96 16.59 -25.08 11.78
N ASN A 97 16.18 -26.13 11.09
CA ASN A 97 15.18 -27.05 11.63
C ASN A 97 15.89 -28.22 12.28
N VAL A 98 15.76 -28.32 13.59
CA VAL A 98 16.42 -29.37 14.36
C VAL A 98 15.90 -30.71 13.86
N GLY A 99 16.83 -31.55 13.41
CA GLY A 99 16.46 -32.80 12.77
C GLY A 99 15.93 -33.83 13.74
N PHE A 100 15.25 -34.83 13.18
CA PHE A 100 14.71 -35.91 13.97
C PHE A 100 15.79 -36.87 14.42
N GLU A 101 15.72 -37.23 15.69
CA GLU A 101 16.60 -38.22 16.28
C GLU A 101 15.80 -39.48 16.58
N ASP A 102 16.49 -40.60 16.68
CA ASP A 102 15.86 -41.89 16.89
C ASP A 102 16.62 -42.61 17.99
N PRO A 103 15.98 -42.82 19.15
CA PRO A 103 16.66 -43.44 20.29
C PRO A 103 17.31 -44.77 19.93
N GLU A 104 16.73 -45.45 18.94
CA GLU A 104 17.28 -46.71 18.46
C GLU A 104 18.64 -46.53 17.79
N LEU A 105 18.78 -45.45 17.03
CA LEU A 105 19.96 -45.21 16.20
C LEU A 105 21.13 -44.47 16.85
N GLY A 106 20.90 -43.84 18.00
CA GLY A 106 21.94 -43.06 18.65
C GLY A 106 22.18 -41.75 17.92
N THR A 107 22.31 -40.69 18.71
CA THR A 107 22.42 -39.31 18.22
C THR A 107 23.73 -38.88 17.53
N ALA A 108 23.74 -38.88 16.20
CA ALA A 108 24.87 -38.37 15.44
C ALA A 108 24.84 -36.84 15.47
N ILE A 109 25.67 -36.23 16.32
CA ILE A 109 25.70 -34.77 16.48
C ILE A 109 26.70 -34.04 15.58
N LEU A 110 26.30 -32.86 15.11
CA LEU A 110 27.15 -32.00 14.30
C LEU A 110 28.28 -31.40 15.12
N LYS A 111 29.50 -31.46 14.59
CA LYS A 111 30.68 -30.95 15.27
C LYS A 111 31.27 -29.76 14.53
N ASP A 112 32.22 -29.09 15.16
CA ASP A 112 32.90 -27.96 14.54
C ASP A 112 33.55 -28.38 13.23
N GLY A 113 33.17 -27.72 12.13
CA GLY A 113 33.74 -28.00 10.83
C GLY A 113 32.86 -28.90 9.97
N ASP A 114 31.79 -29.42 10.55
CA ASP A 114 30.89 -30.33 9.83
C ASP A 114 30.02 -29.58 8.82
N THR A 115 29.35 -30.35 7.96
CA THR A 115 28.48 -29.80 6.93
C THR A 115 27.04 -30.30 7.13
N ILE A 116 26.10 -29.36 7.03
CA ILE A 116 24.68 -29.69 7.00
C ILE A 116 24.26 -30.10 5.60
N GLN A 117 23.83 -31.35 5.44
CA GLN A 117 23.57 -31.91 4.13
C GLN A 117 22.27 -31.41 3.52
N ASP A 118 21.24 -31.29 4.36
CA ASP A 118 19.90 -30.96 3.89
C ASP A 118 19.64 -29.46 3.88
N THR A 119 19.47 -28.91 2.68
CA THR A 119 19.26 -27.48 2.52
C THR A 119 18.14 -27.17 1.53
N LYS A 120 17.45 -26.06 1.78
CA LYS A 120 16.41 -25.55 0.88
C LYS A 120 16.70 -24.10 0.52
N SER A 121 16.92 -23.88 -0.78
CA SER A 121 17.27 -22.57 -1.30
C SER A 121 16.07 -21.65 -1.41
N ALA A 122 16.34 -20.38 -1.75
CA ALA A 122 15.28 -19.39 -1.93
C ALA A 122 14.33 -19.79 -3.04
N GLU B 19 40.79 -7.11 -9.28
CA GLU B 19 40.59 -8.50 -9.71
C GLU B 19 40.63 -8.60 -11.23
N PRO B 20 41.44 -9.52 -11.77
CA PRO B 20 41.48 -9.70 -13.24
C PRO B 20 40.16 -10.28 -13.76
N THR B 21 39.88 -10.06 -15.04
CA THR B 21 38.62 -10.52 -15.64
C THR B 21 38.82 -10.95 -17.09
N TYR B 22 37.84 -11.68 -17.61
CA TYR B 22 37.79 -12.01 -19.04
C TYR B 22 36.39 -11.72 -19.59
N THR B 23 36.29 -11.63 -20.91
CA THR B 23 35.07 -11.13 -21.55
C THR B 23 34.17 -12.25 -22.10
N LEU B 24 32.86 -12.08 -21.90
CA LEU B 24 31.84 -12.94 -22.51
C LEU B 24 30.70 -12.09 -23.08
N TYR B 25 30.05 -12.60 -24.12
CA TYR B 25 28.93 -11.92 -24.74
C TYR B 25 27.63 -12.71 -24.61
N ALA B 26 26.51 -12.00 -24.67
CA ALA B 26 25.19 -12.64 -24.63
C ALA B 26 24.15 -11.74 -25.28
N THR B 27 23.27 -12.34 -26.09
CA THR B 27 22.21 -11.60 -26.77
C THR B 27 20.85 -11.88 -26.13
N PHE B 28 20.09 -10.82 -25.90
CA PHE B 28 18.73 -10.92 -25.36
C PHE B 28 17.73 -10.30 -26.31
N ASP B 29 16.45 -10.62 -26.12
CA ASP B 29 15.37 -9.95 -26.85
C ASP B 29 15.07 -8.61 -26.19
N ASN B 30 15.15 -8.58 -24.86
CA ASN B 30 14.90 -7.38 -24.09
C ASN B 30 15.73 -7.41 -22.81
N ILE B 31 16.50 -6.36 -22.59
CA ILE B 31 17.38 -6.29 -21.42
C ILE B 31 16.66 -5.70 -20.22
N GLY B 32 15.44 -5.21 -20.43
CA GLY B 32 14.65 -4.66 -19.36
C GLY B 32 15.37 -3.52 -18.68
N GLY B 33 15.52 -3.64 -17.36
CA GLY B 33 16.18 -2.62 -16.57
C GLY B 33 17.68 -2.82 -16.43
N LEU B 34 18.23 -3.77 -17.18
CA LEU B 34 19.66 -4.03 -17.10
C LEU B 34 20.45 -2.81 -17.58
N LYS B 35 21.54 -2.54 -16.90
CA LYS B 35 22.38 -1.38 -17.17
C LYS B 35 23.84 -1.69 -16.91
N ALA B 36 24.70 -0.73 -17.22
CA ALA B 36 26.13 -0.86 -16.92
C ALA B 36 26.32 -1.05 -15.42
N ARG B 37 27.38 -1.76 -15.04
CA ARG B 37 27.70 -2.05 -13.64
C ARG B 37 26.68 -2.98 -12.99
N SER B 38 25.72 -3.49 -13.76
CA SER B 38 24.81 -4.51 -13.24
C SER B 38 25.57 -5.80 -12.95
N PRO B 39 25.25 -6.46 -11.81
CA PRO B 39 26.03 -7.64 -11.41
C PRO B 39 25.67 -8.90 -12.19
N VAL B 40 26.66 -9.76 -12.37
CA VAL B 40 26.44 -11.12 -12.86
C VAL B 40 26.71 -12.06 -11.70
N SER B 41 25.75 -12.94 -11.42
CA SER B 41 25.85 -13.81 -10.25
C SER B 41 25.58 -15.28 -10.59
N ILE B 42 26.19 -16.15 -9.79
CA ILE B 42 25.92 -17.58 -9.86
C ILE B 42 25.37 -18.02 -8.51
N GLY B 43 24.11 -18.43 -8.49
CA GLY B 43 23.47 -18.83 -7.25
C GLY B 43 23.45 -17.71 -6.23
N GLY B 44 23.36 -16.47 -6.71
CA GLY B 44 23.30 -15.30 -5.84
C GLY B 44 24.64 -14.69 -5.50
N VAL B 45 25.72 -15.40 -5.80
CA VAL B 45 27.07 -14.88 -5.55
C VAL B 45 27.57 -14.13 -6.77
N VAL B 46 27.95 -12.87 -6.59
CA VAL B 46 28.41 -12.03 -7.70
C VAL B 46 29.76 -12.50 -8.22
N VAL B 47 29.82 -12.78 -9.52
CA VAL B 47 31.02 -13.29 -10.16
C VAL B 47 31.51 -12.38 -11.29
N GLY B 48 30.71 -11.38 -11.65
CA GLY B 48 31.07 -10.49 -12.75
C GLY B 48 30.19 -9.26 -12.83
N ARG B 49 30.35 -8.51 -13.92
CA ARG B 49 29.62 -7.27 -14.12
C ARG B 49 29.32 -7.03 -15.60
N VAL B 50 28.26 -6.26 -15.85
CA VAL B 50 27.94 -5.82 -17.20
C VAL B 50 28.92 -4.72 -17.59
N ALA B 51 29.73 -4.99 -18.60
CA ALA B 51 30.74 -4.03 -19.06
C ALA B 51 30.14 -3.04 -20.03
N ASP B 52 29.20 -3.52 -20.86
CA ASP B 52 28.63 -2.70 -21.92
C ASP B 52 27.35 -3.33 -22.44
N ILE B 53 26.45 -2.48 -22.94
CA ILE B 53 25.23 -2.94 -23.59
C ILE B 53 25.09 -2.24 -24.93
N THR B 54 25.02 -3.05 -25.99
CA THR B 54 24.96 -2.53 -27.35
C THR B 54 23.98 -3.33 -28.20
N LEU B 55 23.38 -2.66 -29.18
CA LEU B 55 22.53 -3.32 -30.16
C LEU B 55 23.36 -3.92 -31.29
N ASP B 56 23.09 -5.18 -31.62
CA ASP B 56 23.77 -5.85 -32.71
C ASP B 56 23.50 -5.09 -34.02
N PRO B 57 24.56 -4.68 -34.72
CA PRO B 57 24.39 -3.78 -35.87
C PRO B 57 23.55 -4.36 -37.01
N LYS B 58 23.49 -5.69 -37.14
CA LYS B 58 22.76 -6.30 -38.24
C LYS B 58 21.34 -6.70 -37.86
N THR B 59 21.16 -7.14 -36.62
CA THR B 59 19.85 -7.61 -36.15
C THR B 59 19.17 -6.63 -35.20
N TYR B 60 19.92 -5.67 -34.68
CA TYR B 60 19.40 -4.73 -33.68
C TYR B 60 18.85 -5.47 -32.45
N LEU B 61 19.49 -6.58 -32.10
CA LEU B 61 19.16 -7.28 -30.86
C LEU B 61 20.19 -6.87 -29.83
N PRO B 62 19.73 -6.57 -28.59
CA PRO B 62 20.70 -6.20 -27.56
C PRO B 62 21.73 -7.28 -27.29
N ARG B 63 23.00 -6.90 -27.37
CA ARG B 63 24.10 -7.77 -26.99
C ARG B 63 24.76 -7.19 -25.75
N VAL B 64 24.84 -8.01 -24.70
CA VAL B 64 25.46 -7.60 -23.45
C VAL B 64 26.89 -8.11 -23.40
N THR B 65 27.81 -7.24 -23.01
CA THR B 65 29.20 -7.62 -22.80
C THR B 65 29.47 -7.78 -21.32
N LEU B 66 29.87 -8.99 -20.91
CA LEU B 66 30.13 -9.28 -19.52
C LEU B 66 31.62 -9.43 -19.26
N GLU B 67 32.07 -8.93 -18.10
CA GLU B 67 33.42 -9.21 -17.61
C GLU B 67 33.31 -10.09 -16.37
N ILE B 68 33.80 -11.32 -16.51
CA ILE B 68 33.74 -12.31 -15.45
C ILE B 68 35.13 -12.49 -14.84
N GLU B 69 35.17 -12.56 -13.51
CA GLU B 69 36.43 -12.76 -12.81
C GLU B 69 37.08 -14.07 -13.26
N GLN B 70 38.38 -13.99 -13.53
CA GLN B 70 39.11 -15.09 -14.14
C GLN B 70 39.13 -16.36 -13.28
N ARG B 71 38.93 -16.22 -11.98
CA ARG B 71 38.95 -17.39 -11.10
C ARG B 71 37.77 -18.30 -11.41
N TYR B 72 36.73 -17.75 -12.05
CA TYR B 72 35.58 -18.52 -12.48
C TYR B 72 35.67 -18.81 -13.98
N ASN B 73 36.65 -19.64 -14.34
CA ASN B 73 36.96 -19.92 -15.75
C ASN B 73 36.66 -21.36 -16.16
N HIS B 74 35.71 -21.99 -15.48
CA HIS B 74 35.31 -23.35 -15.81
C HIS B 74 33.80 -23.41 -16.03
N ILE B 75 33.27 -22.38 -16.71
CA ILE B 75 31.85 -22.32 -17.02
C ILE B 75 31.54 -23.04 -18.32
N PRO B 76 30.72 -24.11 -18.27
CA PRO B 76 30.37 -24.81 -19.51
C PRO B 76 29.58 -23.92 -20.47
N ASP B 77 29.76 -24.12 -21.77
CA ASP B 77 29.05 -23.33 -22.77
C ASP B 77 27.57 -23.68 -22.84
N THR B 78 27.17 -24.68 -22.06
CA THR B 78 25.76 -25.05 -21.93
C THR B 78 25.06 -24.21 -20.87
N SER B 79 25.81 -23.31 -20.25
CA SER B 79 25.26 -22.44 -19.22
C SER B 79 24.28 -21.44 -19.85
N SER B 80 23.39 -20.89 -19.03
CA SER B 80 22.41 -19.93 -19.49
C SER B 80 22.45 -18.64 -18.68
N LEU B 81 21.88 -17.59 -19.25
CA LEU B 81 21.77 -16.30 -18.57
C LEU B 81 20.31 -15.89 -18.46
N SER B 82 19.92 -15.46 -17.28
CA SER B 82 18.56 -15.00 -17.04
C SER B 82 18.56 -13.62 -16.41
N ILE B 83 17.70 -12.74 -16.91
CA ILE B 83 17.50 -11.43 -16.31
C ILE B 83 16.49 -11.60 -15.18
N ARG B 84 16.88 -11.18 -13.98
CA ARG B 84 16.03 -11.33 -12.80
C ARG B 84 16.08 -10.06 -11.96
N THR B 85 15.15 -9.94 -11.02
CA THR B 85 15.06 -8.74 -10.20
C THR B 85 15.36 -9.07 -8.74
N SER B 86 16.17 -8.22 -8.10
CA SER B 86 16.47 -8.36 -6.67
C SER B 86 15.94 -7.20 -5.82
N GLY B 87 15.57 -7.52 -4.59
CA GLY B 87 15.05 -6.55 -3.63
C GLY B 87 13.94 -5.58 -4.04
N LEU B 88 13.83 -4.52 -3.24
CA LEU B 88 12.67 -3.62 -3.23
C LEU B 88 12.68 -2.56 -4.32
N LEU B 89 13.85 -2.32 -4.93
CA LEU B 89 14.02 -1.16 -5.80
C LEU B 89 13.93 -1.56 -7.26
N GLY B 90 13.76 -2.86 -7.51
CA GLY B 90 13.54 -3.36 -8.84
C GLY B 90 14.80 -3.37 -9.68
N GLU B 91 15.95 -3.25 -9.03
CA GLU B 91 17.23 -3.34 -9.72
C GLU B 91 17.41 -4.75 -10.28
N GLN B 92 17.80 -4.82 -11.56
CA GLN B 92 17.92 -6.09 -12.26
C GLN B 92 19.37 -6.56 -12.39
N TYR B 93 19.55 -7.87 -12.54
CA TYR B 93 20.86 -8.48 -12.66
C TYR B 93 20.80 -9.70 -13.56
N LEU B 94 21.98 -10.24 -13.89
CA LEU B 94 22.07 -11.46 -14.69
C LEU B 94 22.39 -12.67 -13.82
N ALA B 95 21.49 -13.65 -13.84
CA ALA B 95 21.71 -14.91 -13.17
C ALA B 95 22.29 -15.92 -14.16
N LEU B 96 23.54 -16.32 -13.94
CA LEU B 96 24.17 -17.33 -14.77
C LEU B 96 23.91 -18.71 -14.16
N ASN B 97 23.13 -19.53 -14.87
CA ASN B 97 22.82 -20.88 -14.42
C ASN B 97 23.74 -21.91 -15.07
N VAL B 98 24.61 -22.51 -14.27
CA VAL B 98 25.57 -23.49 -14.77
C VAL B 98 24.86 -24.70 -15.34
N GLY B 99 25.10 -25.00 -16.62
CA GLY B 99 24.45 -26.09 -17.31
C GLY B 99 25.05 -27.43 -16.91
N PHE B 100 24.36 -28.53 -17.22
CA PHE B 100 24.88 -29.85 -16.91
C PHE B 100 26.00 -30.22 -17.87
N GLU B 101 27.11 -30.71 -17.31
CA GLU B 101 28.22 -31.22 -18.10
C GLU B 101 28.39 -32.73 -17.94
N THR B 107 31.61 -31.00 -20.65
CA THR B 107 31.54 -30.55 -22.03
C THR B 107 32.55 -29.43 -22.28
N ALA B 108 32.33 -28.63 -23.31
CA ALA B 108 33.23 -27.53 -23.66
C ALA B 108 33.11 -26.34 -22.68
N ILE B 109 34.27 -25.81 -22.31
CA ILE B 109 34.34 -24.66 -21.40
C ILE B 109 34.35 -23.33 -22.16
N LEU B 110 33.67 -22.34 -21.60
CA LEU B 110 33.65 -20.99 -22.17
C LEU B 110 34.98 -20.28 -21.96
N LYS B 111 35.50 -19.68 -23.04
CA LYS B 111 36.76 -18.95 -22.99
C LYS B 111 36.52 -17.48 -23.29
N ASP B 112 37.57 -16.67 -23.13
CA ASP B 112 37.49 -15.24 -23.40
C ASP B 112 36.99 -14.95 -24.82
N GLY B 113 35.89 -14.21 -24.91
CA GLY B 113 35.33 -13.81 -26.19
C GLY B 113 34.17 -14.68 -26.66
N ASP B 114 33.90 -15.76 -25.95
CA ASP B 114 32.81 -16.66 -26.33
C ASP B 114 31.45 -16.03 -26.04
N THR B 115 30.41 -16.66 -26.56
CA THR B 115 29.04 -16.18 -26.40
C THR B 115 28.20 -17.22 -25.65
N ILE B 116 27.42 -16.75 -24.68
CA ILE B 116 26.44 -17.59 -24.02
C ILE B 116 25.23 -17.65 -24.92
N GLN B 117 24.96 -18.85 -25.42
CA GLN B 117 24.01 -19.05 -26.51
C GLN B 117 22.58 -18.95 -26.00
N ASP B 118 22.34 -19.50 -24.81
CA ASP B 118 21.01 -19.58 -24.21
C ASP B 118 20.73 -18.42 -23.25
N THR B 119 19.74 -17.60 -23.59
CA THR B 119 19.39 -16.44 -22.79
C THR B 119 17.88 -16.32 -22.55
N LYS B 120 17.51 -15.80 -21.38
CA LYS B 120 16.12 -15.55 -21.01
C LYS B 120 15.90 -14.10 -20.60
N SER B 121 15.06 -13.41 -21.36
CA SER B 121 14.76 -12.00 -21.12
C SER B 121 13.75 -11.84 -19.99
N THR C 18 30.25 16.27 -36.77
CA THR C 18 29.20 15.31 -37.04
C THR C 18 28.03 15.50 -36.08
N GLU C 19 26.82 15.32 -36.58
CA GLU C 19 25.62 15.50 -35.79
C GLU C 19 25.39 14.23 -34.95
N PRO C 20 25.17 14.38 -33.62
CA PRO C 20 24.98 13.20 -32.79
C PRO C 20 23.71 12.38 -33.06
N THR C 21 22.68 13.02 -33.62
CA THR C 21 21.39 12.34 -33.81
C THR C 21 20.69 12.77 -35.10
N TYR C 22 19.67 12.01 -35.49
CA TYR C 22 18.80 12.40 -36.61
C TYR C 22 17.35 12.34 -36.17
N THR C 23 16.49 12.99 -36.94
CA THR C 23 15.12 13.23 -36.52
C THR C 23 14.12 12.25 -37.15
N LEU C 24 13.18 11.78 -36.33
CA LEU C 24 12.04 11.01 -36.80
C LEU C 24 10.77 11.55 -36.15
N TYR C 25 9.65 11.45 -36.85
CA TYR C 25 8.36 11.90 -36.34
C TYR C 25 7.40 10.73 -36.17
N ALA C 26 6.45 10.89 -35.26
CA ALA C 26 5.41 9.89 -35.08
C ALA C 26 4.17 10.55 -34.48
N THR C 27 3.02 10.19 -35.03
CA THR C 27 1.75 10.72 -34.55
C THR C 27 1.00 9.66 -33.77
N PHE C 28 0.48 10.06 -32.62
CA PHE C 28 -0.34 9.21 -31.77
C PHE C 28 -1.72 9.84 -31.63
N ASP C 29 -2.68 9.06 -31.16
CA ASP C 29 -3.99 9.63 -30.79
C ASP C 29 -3.85 10.27 -29.43
N ASN C 30 -3.03 9.67 -28.57
CA ASN C 30 -2.78 10.16 -27.23
C ASN C 30 -1.38 9.78 -26.74
N ILE C 31 -0.60 10.78 -26.33
CA ILE C 31 0.76 10.54 -25.88
C ILE C 31 0.86 10.26 -24.38
N GLY C 32 -0.26 10.41 -23.67
CA GLY C 32 -0.31 10.10 -22.25
C GLY C 32 0.68 10.86 -21.39
N GLY C 33 1.50 10.13 -20.65
CA GLY C 33 2.48 10.73 -19.75
C GLY C 33 3.82 11.01 -20.40
N LEU C 34 3.89 10.82 -21.71
CA LEU C 34 5.11 11.09 -22.45
C LEU C 34 5.44 12.58 -22.41
N LYS C 35 6.71 12.90 -22.26
CA LYS C 35 7.15 14.29 -22.20
C LYS C 35 8.50 14.42 -22.88
N ALA C 36 9.00 15.65 -22.97
CA ALA C 36 10.33 15.89 -23.51
C ALA C 36 11.36 15.12 -22.68
N ARG C 37 12.45 14.71 -23.35
CA ARG C 37 13.52 13.93 -22.73
C ARG C 37 13.10 12.51 -22.35
N SER C 38 11.87 12.11 -22.70
CA SER C 38 11.47 10.72 -22.51
C SER C 38 12.28 9.81 -23.43
N PRO C 39 12.72 8.65 -22.93
CA PRO C 39 13.62 7.82 -23.73
C PRO C 39 12.92 7.01 -24.83
N VAL C 40 13.65 6.77 -25.92
CA VAL C 40 13.24 5.85 -26.97
C VAL C 40 14.16 4.64 -26.90
N SER C 41 13.59 3.44 -26.83
CA SER C 41 14.38 2.23 -26.65
C SER C 41 14.03 1.11 -27.63
N ILE C 42 15.05 0.29 -27.94
CA ILE C 42 14.87 -0.93 -28.71
C ILE C 42 15.34 -2.10 -27.84
N GLY C 43 14.41 -2.98 -27.47
CA GLY C 43 14.74 -4.10 -26.61
C GLY C 43 15.30 -3.63 -25.28
N GLY C 44 14.84 -2.48 -24.82
CA GLY C 44 15.26 -1.93 -23.55
C GLY C 44 16.49 -1.04 -23.64
N VAL C 45 17.16 -1.08 -24.79
CA VAL C 45 18.35 -0.25 -25.00
C VAL C 45 17.97 1.11 -25.56
N VAL C 46 18.36 2.16 -24.86
CA VAL C 46 18.04 3.53 -25.25
C VAL C 46 18.82 3.92 -26.51
N VAL C 47 18.09 4.35 -27.54
CA VAL C 47 18.70 4.72 -28.82
C VAL C 47 18.40 6.17 -29.20
N GLY C 48 17.53 6.82 -28.43
CA GLY C 48 17.13 8.19 -28.73
C GLY C 48 16.33 8.84 -27.63
N ARG C 49 15.78 10.01 -27.92
CA ARG C 49 15.02 10.79 -26.96
C ARG C 49 13.88 11.55 -27.61
N VAL C 50 12.82 11.81 -26.84
CA VAL C 50 11.75 12.68 -27.29
C VAL C 50 12.25 14.11 -27.22
N ALA C 51 12.35 14.75 -28.38
CA ALA C 51 12.82 16.12 -28.46
C ALA C 51 11.70 17.10 -28.23
N ASP C 52 10.51 16.74 -28.69
CA ASP C 52 9.38 17.66 -28.65
C ASP C 52 8.06 16.95 -28.91
N ILE C 53 6.98 17.51 -28.37
CA ILE C 53 5.63 17.02 -28.62
C ILE C 53 4.76 18.21 -29.03
N THR C 54 4.15 18.10 -30.21
CA THR C 54 3.34 19.18 -30.77
C THR C 54 2.05 18.66 -31.37
N LEU C 55 1.01 19.48 -31.33
CA LEU C 55 -0.25 19.17 -32.00
C LEU C 55 -0.20 19.58 -33.46
N ASP C 56 -0.55 18.66 -34.36
CA ASP C 56 -0.63 18.97 -35.77
C ASP C 56 -1.73 20.02 -35.94
N PRO C 57 -1.39 21.18 -36.54
CA PRO C 57 -2.36 22.28 -36.61
C PRO C 57 -3.60 21.93 -37.44
N LYS C 58 -3.49 20.93 -38.30
CA LYS C 58 -4.56 20.62 -39.23
C LYS C 58 -5.51 19.59 -38.62
N THR C 59 -4.94 18.65 -37.87
CA THR C 59 -5.71 17.55 -37.27
C THR C 59 -5.85 17.63 -35.75
N TYR C 60 -5.02 18.44 -35.10
CA TYR C 60 -4.96 18.50 -33.64
C TYR C 60 -4.63 17.13 -33.05
N LEU C 61 -3.82 16.36 -33.76
CA LEU C 61 -3.30 15.09 -33.25
C LEU C 61 -1.87 15.29 -32.73
N PRO C 62 -1.54 14.74 -31.55
CA PRO C 62 -0.18 14.86 -31.03
C PRO C 62 0.88 14.23 -31.92
N ARG C 63 1.90 15.02 -32.27
CA ARG C 63 3.04 14.53 -33.00
C ARG C 63 4.30 14.61 -32.14
N VAL C 64 4.99 13.49 -32.00
N VAL C 64 4.98 13.48 -31.98
CA VAL C 64 6.22 13.43 -31.23
CA VAL C 64 6.23 13.47 -31.23
C VAL C 64 7.44 13.54 -32.16
C VAL C 64 7.41 13.61 -32.20
N THR C 65 8.40 14.40 -31.78
CA THR C 65 9.64 14.52 -32.52
C THR C 65 10.74 13.78 -31.77
N LEU C 66 11.33 12.79 -32.43
CA LEU C 66 12.37 11.96 -31.81
C LEU C 66 13.75 12.31 -32.36
N GLU C 67 14.75 12.26 -31.48
CA GLU C 67 16.15 12.36 -31.89
C GLU C 67 16.81 11.00 -31.68
N ILE C 68 17.21 10.35 -32.77
CA ILE C 68 17.81 9.02 -32.71
C ILE C 68 19.31 9.11 -32.97
N GLU C 69 20.10 8.39 -32.17
CA GLU C 69 21.55 8.35 -32.34
C GLU C 69 21.88 7.81 -33.73
N GLN C 70 22.81 8.49 -34.41
CA GLN C 70 23.07 8.26 -35.82
C GLN C 70 23.56 6.85 -36.17
N ARG C 71 24.19 6.16 -35.23
CA ARG C 71 24.68 4.81 -35.51
C ARG C 71 23.53 3.83 -35.71
N TYR C 72 22.34 4.21 -35.24
CA TYR C 72 21.14 3.40 -35.42
C TYR C 72 20.36 3.91 -36.63
N ASN C 73 20.96 3.70 -37.80
CA ASN C 73 20.43 4.23 -39.05
C ASN C 73 19.95 3.13 -40.00
N HIS C 74 19.57 1.98 -39.44
CA HIS C 74 19.01 0.89 -40.24
C HIS C 74 17.68 0.42 -39.65
N ILE C 75 16.86 1.38 -39.24
CA ILE C 75 15.53 1.08 -38.72
C ILE C 75 14.54 1.01 -39.88
N PRO C 76 13.91 -0.17 -40.08
CA PRO C 76 12.94 -0.29 -41.18
C PRO C 76 11.71 0.59 -40.98
N ASP C 77 11.13 1.10 -42.06
CA ASP C 77 9.97 1.98 -41.96
C ASP C 77 8.72 1.21 -41.54
N THR C 78 8.83 -0.11 -41.44
CA THR C 78 7.73 -0.94 -40.93
C THR C 78 7.76 -1.05 -39.42
N SER C 79 8.73 -0.39 -38.79
CA SER C 79 8.87 -0.44 -37.34
C SER C 79 7.71 0.27 -36.66
N SER C 80 7.49 -0.04 -35.38
CA SER C 80 6.40 0.56 -34.62
C SER C 80 6.92 1.21 -33.35
N LEU C 81 6.12 2.14 -32.83
CA LEU C 81 6.41 2.81 -31.57
C LEU C 81 5.26 2.55 -30.59
N SER C 82 5.61 2.17 -29.37
CA SER C 82 4.64 1.92 -28.33
C SER C 82 5.00 2.72 -27.09
N ILE C 83 3.98 3.33 -26.49
CA ILE C 83 4.16 4.04 -25.22
C ILE C 83 4.08 3.02 -24.10
N ARG C 84 5.13 2.98 -23.28
CA ARG C 84 5.20 2.01 -22.19
C ARG C 84 5.78 2.64 -20.93
N THR C 85 5.66 1.94 -19.81
CA THR C 85 6.07 2.45 -18.51
C THR C 85 7.26 1.67 -17.97
N SER C 86 8.18 2.39 -17.33
CA SER C 86 9.35 1.79 -16.71
C SER C 86 9.22 1.80 -15.18
N GLU C 91 7.17 6.67 -14.80
CA GLU C 91 7.69 7.40 -15.95
C GLU C 91 7.52 6.57 -17.22
N GLN C 92 7.03 7.22 -18.29
CA GLN C 92 6.73 6.53 -19.54
C GLN C 92 7.84 6.73 -20.57
N TYR C 93 7.93 5.79 -21.51
CA TYR C 93 8.94 5.83 -22.57
C TYR C 93 8.39 5.23 -23.86
N LEU C 94 9.16 5.38 -24.94
CA LEU C 94 8.80 4.80 -26.23
C LEU C 94 9.61 3.55 -26.55
N ALA C 95 8.91 2.43 -26.73
CA ALA C 95 9.55 1.20 -27.17
C ALA C 95 9.46 1.09 -28.69
N LEU C 96 10.61 1.17 -29.35
CA LEU C 96 10.66 1.02 -30.80
C LEU C 96 10.87 -0.44 -31.15
N ASN C 97 9.87 -1.03 -31.80
CA ASN C 97 9.93 -2.42 -32.24
C ASN C 97 10.36 -2.50 -33.71
N VAL C 98 11.53 -3.09 -33.93
CA VAL C 98 12.09 -3.20 -35.28
C VAL C 98 11.14 -3.97 -36.20
N GLY C 99 10.75 -3.34 -37.30
CA GLY C 99 9.77 -3.90 -38.20
C GLY C 99 10.32 -5.05 -39.04
N PHE C 100 9.40 -5.79 -39.65
CA PHE C 100 9.76 -6.93 -40.48
C PHE C 100 10.36 -6.48 -41.80
N GLU C 101 11.43 -7.15 -42.23
CA GLU C 101 12.03 -6.86 -43.52
C GLU C 101 11.70 -7.99 -44.47
N ASP C 102 11.76 -7.70 -45.77
CA ASP C 102 11.36 -8.67 -46.78
C ASP C 102 12.39 -8.65 -47.91
N PRO C 103 13.18 -9.73 -48.04
CA PRO C 103 14.22 -9.73 -49.08
C PRO C 103 13.64 -9.52 -50.48
N GLU C 104 12.41 -9.98 -50.68
CA GLU C 104 11.73 -9.80 -51.96
C GLU C 104 11.38 -8.35 -52.26
N LEU C 105 10.84 -7.64 -51.27
CA LEU C 105 10.38 -6.28 -51.51
C LEU C 105 11.42 -5.22 -51.18
N GLY C 106 12.36 -5.55 -50.31
CA GLY C 106 13.41 -4.63 -49.91
C GLY C 106 12.72 -3.46 -49.22
N THR C 107 12.42 -3.61 -47.94
CA THR C 107 11.72 -2.56 -47.21
C THR C 107 12.65 -1.38 -46.95
N ALA C 108 12.08 -0.18 -47.10
CA ALA C 108 12.82 1.07 -46.97
C ALA C 108 13.24 1.37 -45.54
N ILE C 109 14.46 1.87 -45.40
CA ILE C 109 15.02 2.25 -44.11
C ILE C 109 14.65 3.69 -43.79
N LEU C 110 14.37 3.94 -42.51
CA LEU C 110 14.02 5.29 -42.05
C LEU C 110 15.23 6.20 -42.07
N LYS C 111 15.06 7.39 -42.66
CA LYS C 111 16.14 8.37 -42.73
C LYS C 111 15.76 9.63 -41.96
N ASP C 112 16.72 10.54 -41.83
CA ASP C 112 16.52 11.80 -41.15
C ASP C 112 15.31 12.54 -41.73
N GLY C 113 14.32 12.82 -40.90
CA GLY C 113 13.13 13.55 -41.30
C GLY C 113 11.93 12.67 -41.61
N ASP C 114 12.13 11.35 -41.61
CA ASP C 114 11.05 10.41 -41.91
C ASP C 114 10.06 10.29 -40.77
N THR C 115 8.94 9.61 -41.06
CA THR C 115 7.88 9.40 -40.08
C THR C 115 7.66 7.92 -39.81
N ILE C 116 7.56 7.57 -38.53
CA ILE C 116 7.17 6.22 -38.13
C ILE C 116 5.64 6.14 -38.18
N GLN C 117 5.15 5.32 -39.09
CA GLN C 117 3.74 5.28 -39.44
C GLN C 117 2.93 4.52 -38.39
N ASP C 118 3.53 3.46 -37.86
CA ASP C 118 2.87 2.57 -36.92
C ASP C 118 3.11 3.02 -35.48
N THR C 119 2.06 3.43 -34.79
CA THR C 119 2.19 3.90 -33.40
C THR C 119 1.11 3.32 -32.49
N LYS C 120 1.47 3.09 -31.23
CA LYS C 120 0.54 2.57 -30.23
C LYS C 120 0.47 3.48 -29.01
N SER C 121 -0.69 4.05 -28.75
CA SER C 121 -0.86 4.92 -27.60
C SER C 121 -1.08 4.11 -26.33
N ALA C 122 -1.11 4.80 -25.19
CA ALA C 122 -1.35 4.15 -23.90
C ALA C 122 -2.15 5.07 -22.99
N GLU D 19 1.87 33.18 -23.33
CA GLU D 19 0.87 32.81 -24.33
C GLU D 19 -0.50 33.36 -23.93
N PRO D 20 -1.17 34.11 -24.84
CA PRO D 20 -2.51 34.57 -24.46
C PRO D 20 -3.53 33.44 -24.41
N THR D 21 -4.80 33.77 -24.23
CA THR D 21 -5.86 32.77 -24.14
C THR D 21 -7.21 33.30 -24.63
N TYR D 22 -8.14 32.38 -24.90
CA TYR D 22 -9.53 32.76 -25.13
C TYR D 22 -10.41 31.86 -24.26
N THR D 23 -11.65 32.28 -24.03
CA THR D 23 -12.51 31.64 -23.04
C THR D 23 -13.54 30.68 -23.64
N LEU D 24 -13.71 29.54 -22.98
CA LEU D 24 -14.79 28.61 -23.31
C LEU D 24 -15.47 28.15 -22.03
N TYR D 25 -16.76 27.83 -22.15
CA TYR D 25 -17.55 27.35 -21.02
C TYR D 25 -18.01 25.91 -21.25
N ALA D 26 -18.27 25.21 -20.15
CA ALA D 26 -18.78 23.85 -20.20
C ALA D 26 -19.53 23.49 -18.92
N THR D 27 -20.66 22.82 -19.07
CA THR D 27 -21.46 22.39 -17.93
C THR D 27 -21.36 20.88 -17.72
N PHE D 28 -21.14 20.48 -16.47
CA PHE D 28 -21.13 19.07 -16.09
C PHE D 28 -22.21 18.81 -15.05
N ASP D 29 -22.55 17.54 -14.86
CA ASP D 29 -23.45 17.14 -13.78
C ASP D 29 -22.67 17.08 -12.47
N ASN D 30 -21.43 16.64 -12.56
CA ASN D 30 -20.55 16.53 -11.39
C ASN D 30 -19.10 16.69 -11.84
N ILE D 31 -18.38 17.63 -11.23
CA ILE D 31 -16.99 17.89 -11.62
C ILE D 31 -15.97 17.06 -10.84
N GLY D 32 -16.44 16.31 -9.85
CA GLY D 32 -15.56 15.42 -9.10
C GLY D 32 -14.38 16.11 -8.44
N GLY D 33 -13.18 15.63 -8.75
CA GLY D 33 -11.96 16.17 -8.15
C GLY D 33 -11.34 17.30 -8.95
N LEU D 34 -12.03 17.76 -9.98
CA LEU D 34 -11.55 18.89 -10.79
C LEU D 34 -11.48 20.17 -9.98
N LYS D 35 -10.45 20.97 -10.27
CA LYS D 35 -10.23 22.23 -9.55
C LYS D 35 -9.73 23.28 -10.52
N ALA D 36 -9.60 24.51 -10.02
CA ALA D 36 -9.01 25.59 -10.80
C ALA D 36 -7.58 25.20 -11.14
N ARG D 37 -7.09 25.67 -12.29
CA ARG D 37 -5.74 25.36 -12.79
C ARG D 37 -5.59 23.89 -13.20
N SER D 38 -6.67 23.12 -13.17
CA SER D 38 -6.62 21.78 -13.72
C SER D 38 -6.40 21.87 -15.22
N PRO D 39 -5.56 21.01 -15.79
CA PRO D 39 -5.22 21.18 -17.20
C PRO D 39 -6.31 20.70 -18.14
N VAL D 40 -6.39 21.35 -19.30
CA VAL D 40 -7.22 20.90 -20.41
C VAL D 40 -6.27 20.41 -21.50
N SER D 41 -6.49 19.19 -21.97
CA SER D 41 -5.57 18.57 -22.93
C SER D 41 -6.27 17.96 -24.13
N ILE D 42 -5.54 17.93 -25.25
CA ILE D 42 -5.96 17.24 -26.46
C ILE D 42 -4.92 16.18 -26.78
N GLY D 43 -5.32 14.91 -26.70
CA GLY D 43 -4.42 13.81 -26.95
C GLY D 43 -3.24 13.84 -26.00
N GLY D 44 -3.46 14.31 -24.79
CA GLY D 44 -2.43 14.35 -23.76
C GLY D 44 -1.62 15.64 -23.77
N VAL D 45 -1.77 16.44 -24.83
CA VAL D 45 -1.07 17.71 -24.93
C VAL D 45 -1.90 18.82 -24.31
N VAL D 46 -1.33 19.50 -23.32
CA VAL D 46 -2.03 20.56 -22.62
C VAL D 46 -2.22 21.78 -23.54
N VAL D 47 -3.47 22.20 -23.69
CA VAL D 47 -3.81 23.31 -24.57
C VAL D 47 -4.49 24.44 -23.79
N GLY D 48 -4.79 24.18 -22.52
CA GLY D 48 -5.46 25.16 -21.70
C GLY D 48 -5.49 24.77 -20.23
N ARG D 49 -6.26 25.52 -19.46
CA ARG D 49 -6.39 25.32 -18.02
C ARG D 49 -7.79 25.67 -17.57
N VAL D 50 -8.24 25.04 -16.49
CA VAL D 50 -9.50 25.41 -15.86
C VAL D 50 -9.31 26.72 -15.11
N ALA D 51 -10.03 27.75 -15.54
CA ALA D 51 -9.91 29.07 -14.93
C ALA D 51 -10.80 29.23 -13.70
N ASP D 52 -11.96 28.58 -13.72
CA ASP D 52 -12.93 28.73 -12.63
C ASP D 52 -13.98 27.63 -12.65
N ILE D 53 -14.47 27.30 -11.47
CA ILE D 53 -15.59 26.37 -11.32
C ILE D 53 -16.62 26.97 -10.39
N THR D 54 -17.84 27.12 -10.89
CA THR D 54 -18.93 27.71 -10.13
C THR D 54 -20.20 26.92 -10.38
N LEU D 55 -21.09 26.88 -9.39
CA LEU D 55 -22.40 26.27 -9.60
C LEU D 55 -23.31 27.29 -10.24
N ASP D 56 -23.92 26.90 -11.35
CA ASP D 56 -24.87 27.77 -12.03
C ASP D 56 -26.09 28.02 -11.14
N PRO D 57 -26.37 29.29 -10.81
CA PRO D 57 -27.48 29.58 -9.89
C PRO D 57 -28.84 29.16 -10.42
N LYS D 58 -28.95 29.04 -11.74
CA LYS D 58 -30.23 28.79 -12.39
C LYS D 58 -30.52 27.29 -12.58
N THR D 59 -29.46 26.52 -12.84
CA THR D 59 -29.60 25.08 -13.08
C THR D 59 -29.06 24.25 -11.93
N TYR D 60 -28.28 24.89 -11.05
CA TYR D 60 -27.58 24.19 -9.97
C TYR D 60 -26.67 23.10 -10.52
N LEU D 61 -26.18 23.33 -11.74
CA LEU D 61 -25.18 22.49 -12.37
C LEU D 61 -23.80 23.15 -12.35
N PRO D 62 -22.74 22.40 -12.04
CA PRO D 62 -21.40 23.00 -12.11
C PRO D 62 -21.06 23.54 -13.49
N ARG D 63 -20.61 24.80 -13.57
CA ARG D 63 -20.12 25.37 -14.82
C ARG D 63 -18.63 25.62 -14.73
N VAL D 64 -17.90 25.04 -15.67
CA VAL D 64 -16.45 25.21 -15.75
C VAL D 64 -16.10 26.29 -16.76
N THR D 65 -15.21 27.19 -16.36
CA THR D 65 -14.67 28.20 -17.27
C THR D 65 -13.26 27.81 -17.69
N LEU D 66 -13.06 27.64 -19.00
CA LEU D 66 -11.77 27.23 -19.53
C LEU D 66 -11.07 28.39 -20.24
N GLU D 67 -9.76 28.46 -20.07
CA GLU D 67 -8.92 29.38 -20.85
C GLU D 67 -8.04 28.57 -21.79
N ILE D 68 -8.29 28.72 -23.09
CA ILE D 68 -7.58 27.99 -24.11
C ILE D 68 -6.58 28.89 -24.84
N GLU D 69 -5.37 28.37 -25.04
CA GLU D 69 -4.34 29.10 -25.76
C GLU D 69 -4.81 29.45 -27.16
N GLN D 70 -4.60 30.69 -27.56
CA GLN D 70 -5.17 31.21 -28.81
C GLN D 70 -4.72 30.47 -30.06
N ARG D 71 -3.54 29.84 -29.99
N ARG D 71 -3.55 29.85 -29.98
CA ARG D 71 -3.01 29.11 -31.14
CA ARG D 71 -2.99 29.11 -31.11
C ARG D 71 -3.87 27.89 -31.46
C ARG D 71 -3.86 27.90 -31.47
N TYR D 72 -4.64 27.43 -30.49
CA TYR D 72 -5.57 26.32 -30.71
C TYR D 72 -6.98 26.85 -30.91
N ASN D 73 -7.19 27.53 -32.03
CA ASN D 73 -8.44 28.22 -32.33
C ASN D 73 -9.21 27.60 -33.49
N HIS D 74 -9.01 26.32 -33.72
CA HIS D 74 -9.73 25.59 -34.77
C HIS D 74 -10.41 24.36 -34.19
N ILE D 75 -10.99 24.53 -33.00
CA ILE D 75 -11.71 23.46 -32.33
C ILE D 75 -13.17 23.43 -32.81
N PRO D 76 -13.60 22.31 -33.41
CA PRO D 76 -15.00 22.22 -33.85
C PRO D 76 -15.97 22.30 -32.67
N ASP D 77 -17.14 22.89 -32.88
CA ASP D 77 -18.12 23.00 -31.81
C ASP D 77 -18.75 21.65 -31.50
N THR D 78 -18.39 20.64 -32.30
CA THR D 78 -18.83 19.27 -32.07
C THR D 78 -17.90 18.52 -31.11
N SER D 79 -16.85 19.19 -30.64
CA SER D 79 -15.92 18.58 -29.72
C SER D 79 -16.60 18.30 -28.39
N SER D 80 -16.04 17.37 -27.62
CA SER D 80 -16.59 17.02 -26.30
C SER D 80 -15.52 17.15 -25.22
N LEU D 81 -15.98 17.25 -23.97
CA LEU D 81 -15.11 17.31 -22.82
C LEU D 81 -15.37 16.14 -21.89
N SER D 82 -14.30 15.50 -21.45
CA SER D 82 -14.40 14.38 -20.52
C SER D 82 -13.52 14.62 -19.30
N ILE D 83 -14.04 14.32 -18.12
CA ILE D 83 -13.25 14.35 -16.91
C ILE D 83 -12.52 13.02 -16.78
N ARG D 84 -11.20 13.10 -16.64
CA ARG D 84 -10.35 11.91 -16.54
C ARG D 84 -9.28 12.06 -15.48
N THR D 85 -8.63 10.94 -15.18
CA THR D 85 -7.65 10.87 -14.10
C THR D 85 -6.24 10.66 -14.63
N SER D 86 -5.28 11.32 -13.99
CA SER D 86 -3.87 11.19 -14.33
C SER D 86 -3.13 10.37 -13.28
N GLY D 87 -2.11 9.66 -13.75
CA GLY D 87 -1.35 8.67 -13.01
C GLY D 87 -1.65 8.30 -11.55
N LEU D 88 -0.68 8.50 -10.67
CA LEU D 88 -0.69 7.85 -9.36
C LEU D 88 -1.47 8.58 -8.26
N LEU D 89 -1.69 9.87 -8.43
CA LEU D 89 -2.23 10.71 -7.34
C LEU D 89 -3.70 11.05 -7.53
N GLY D 90 -4.26 10.61 -8.65
CA GLY D 90 -5.67 10.79 -8.88
C GLY D 90 -6.05 12.22 -9.23
N GLU D 91 -5.07 13.02 -9.64
CA GLU D 91 -5.37 14.38 -10.07
C GLU D 91 -6.23 14.25 -11.32
N GLN D 92 -7.31 15.03 -11.38
CA GLN D 92 -8.25 14.93 -12.48
C GLN D 92 -7.99 16.04 -13.49
N TYR D 93 -8.36 15.78 -14.74
CA TYR D 93 -8.17 16.77 -15.79
C TYR D 93 -9.28 16.68 -16.82
N LEU D 94 -9.31 17.64 -17.74
CA LEU D 94 -10.27 17.65 -18.82
C LEU D 94 -9.63 17.20 -20.11
N ALA D 95 -10.15 16.12 -20.68
CA ALA D 95 -9.72 15.65 -21.99
C ALA D 95 -10.67 16.23 -23.03
N LEU D 96 -10.14 17.10 -23.88
CA LEU D 96 -10.93 17.67 -24.96
C LEU D 96 -10.79 16.76 -26.17
N ASN D 97 -11.91 16.16 -26.57
CA ASN D 97 -11.95 15.29 -27.74
C ASN D 97 -12.38 16.07 -28.96
N VAL D 98 -11.45 16.24 -29.89
CA VAL D 98 -11.71 17.03 -31.09
C VAL D 98 -12.85 16.44 -31.89
N GLY D 99 -13.86 17.27 -32.13
CA GLY D 99 -15.09 16.85 -32.77
C GLY D 99 -14.97 16.65 -34.27
N PHE D 100 -15.96 15.96 -34.83
CA PHE D 100 -16.02 15.71 -36.25
C PHE D 100 -16.42 16.97 -37.02
N GLU D 101 -15.72 17.25 -38.12
CA GLU D 101 -16.11 18.34 -39.02
C GLU D 101 -16.61 17.62 -40.26
N ASP D 102 -17.36 18.29 -41.13
CA ASP D 102 -18.06 17.60 -42.21
C ASP D 102 -17.90 18.24 -43.60
N PRO D 103 -17.27 17.50 -44.54
CA PRO D 103 -17.00 18.05 -45.88
C PRO D 103 -18.26 18.53 -46.60
N GLY D 106 -20.63 22.20 -43.23
CA GLY D 106 -19.44 22.81 -42.67
C GLY D 106 -19.61 23.16 -41.20
N THR D 107 -18.92 22.44 -40.33
CA THR D 107 -19.03 22.66 -38.89
C THR D 107 -18.40 23.97 -38.45
N ALA D 108 -19.11 24.66 -37.56
CA ALA D 108 -18.67 25.93 -37.00
C ALA D 108 -17.54 25.73 -36.00
N ILE D 109 -16.55 26.60 -36.06
CA ILE D 109 -15.41 26.56 -35.15
C ILE D 109 -15.73 27.36 -33.89
N LEU D 110 -15.28 26.86 -32.74
CA LEU D 110 -15.49 27.53 -31.47
C LEU D 110 -14.64 28.80 -31.37
N LYS D 111 -15.30 29.88 -30.97
CA LYS D 111 -14.63 31.17 -30.78
C LYS D 111 -14.73 31.58 -29.32
N ASP D 112 -14.05 32.67 -28.97
CA ASP D 112 -14.05 33.18 -27.60
C ASP D 112 -15.47 33.42 -27.08
N GLY D 113 -15.80 32.77 -25.97
CA GLY D 113 -17.10 32.94 -25.32
C GLY D 113 -18.08 31.83 -25.62
N ASP D 114 -17.73 30.93 -26.53
CA ASP D 114 -18.61 29.82 -26.90
C ASP D 114 -18.64 28.78 -25.80
N THR D 115 -19.59 27.84 -25.92
CA THR D 115 -19.77 26.77 -24.95
C THR D 115 -19.57 25.42 -25.61
N ILE D 116 -18.83 24.54 -24.94
CA ILE D 116 -18.74 23.16 -25.37
C ILE D 116 -19.97 22.45 -24.84
N GLN D 117 -20.83 22.04 -25.76
CA GLN D 117 -22.15 21.53 -25.40
C GLN D 117 -22.08 20.09 -24.92
N ASP D 118 -21.18 19.31 -25.54
CA ASP D 118 -21.06 17.89 -25.25
C ASP D 118 -20.07 17.64 -24.12
N THR D 119 -20.56 17.14 -22.99
CA THR D 119 -19.72 16.87 -21.84
C THR D 119 -20.03 15.51 -21.23
N LYS D 120 -19.00 14.86 -20.71
CA LYS D 120 -19.13 13.58 -20.04
C LYS D 120 -18.43 13.62 -18.68
N SER D 121 -19.19 13.44 -17.61
CA SER D 121 -18.63 13.46 -16.27
C SER D 121 -17.92 12.14 -16.01
N ALA D 122 -17.20 12.05 -14.89
CA ALA D 122 -16.50 10.82 -14.54
C ALA D 122 -17.50 9.75 -14.11
N ARG E 17 -14.08 37.34 -2.76
CA ARG E 17 -14.79 37.88 -1.60
C ARG E 17 -15.54 36.76 -0.86
N THR E 18 -16.23 37.13 0.22
CA THR E 18 -17.08 36.16 0.93
C THR E 18 -18.54 36.28 0.50
N GLU E 19 -19.19 35.13 0.30
CA GLU E 19 -20.60 35.06 -0.07
C GLU E 19 -21.53 35.06 1.15
N PRO E 20 -22.59 35.90 1.16
CA PRO E 20 -23.50 35.83 2.30
C PRO E 20 -24.23 34.48 2.35
N THR E 21 -24.86 34.14 3.47
CA THR E 21 -25.46 32.83 3.63
C THR E 21 -26.77 32.85 4.42
N TYR E 22 -27.52 31.75 4.32
CA TYR E 22 -28.70 31.52 5.14
C TYR E 22 -28.61 30.14 5.79
N THR E 23 -29.42 29.92 6.82
CA THR E 23 -29.28 28.74 7.67
C THR E 23 -30.28 27.64 7.32
N LEU E 24 -29.79 26.40 7.33
CA LEU E 24 -30.63 25.22 7.22
C LEU E 24 -30.20 24.20 8.27
N TYR E 25 -31.16 23.38 8.70
CA TYR E 25 -30.88 22.32 9.67
C TYR E 25 -31.09 20.95 9.05
N ALA E 26 -30.40 19.95 9.59
CA ALA E 26 -30.58 18.58 9.13
C ALA E 26 -30.22 17.60 10.23
N THR E 27 -31.05 16.58 10.41
CA THR E 27 -30.82 15.56 11.42
C THR E 27 -30.38 14.25 10.78
N PHE E 28 -29.34 13.64 11.35
CA PHE E 28 -28.84 12.35 10.89
C PHE E 28 -28.91 11.33 12.02
N ASP E 29 -28.79 10.04 11.69
CA ASP E 29 -28.63 9.01 12.71
C ASP E 29 -27.19 9.03 13.20
N ASN E 30 -26.29 9.27 12.24
CA ASN E 30 -24.86 9.31 12.53
C ASN E 30 -24.15 10.24 11.57
N ILE E 31 -23.44 11.22 12.12
CA ILE E 31 -22.72 12.19 11.30
C ILE E 31 -21.31 11.72 10.98
N GLY E 32 -20.90 10.61 11.59
CA GLY E 32 -19.60 10.02 11.31
C GLY E 32 -18.44 10.97 11.58
N GLY E 33 -17.62 11.18 10.56
CA GLY E 33 -16.46 12.04 10.67
C GLY E 33 -16.74 13.49 10.35
N LEU E 34 -18.02 13.82 10.18
CA LEU E 34 -18.41 15.20 9.90
C LEU E 34 -18.06 16.08 11.10
N LYS E 35 -17.61 17.30 10.83
CA LYS E 35 -17.22 18.23 11.88
C LYS E 35 -17.63 19.64 11.49
N ALA E 36 -17.41 20.58 12.39
CA ALA E 36 -17.64 21.98 12.08
C ALA E 36 -16.78 22.40 10.89
N ARG E 37 -17.31 23.32 10.09
CA ARG E 37 -16.64 23.84 8.90
C ARG E 37 -16.49 22.78 7.80
N SER E 38 -17.09 21.60 8.00
CA SER E 38 -17.12 20.59 6.94
C SER E 38 -17.94 21.15 5.78
N PRO E 39 -17.49 20.92 4.54
CA PRO E 39 -18.16 21.54 3.39
C PRO E 39 -19.48 20.88 2.98
N VAL E 40 -20.38 21.69 2.44
CA VAL E 40 -21.58 21.21 1.78
C VAL E 40 -21.43 21.47 0.29
N SER E 41 -21.63 20.45 -0.52
CA SER E 41 -21.41 20.58 -1.96
C SER E 41 -22.55 20.04 -2.81
N ILE E 42 -22.71 20.66 -3.99
CA ILE E 42 -23.64 20.20 -5.01
C ILE E 42 -22.84 19.91 -6.27
N GLY E 43 -22.81 18.65 -6.69
CA GLY E 43 -22.06 18.25 -7.86
C GLY E 43 -20.57 18.53 -7.71
N GLY E 44 -20.07 18.44 -6.48
CA GLY E 44 -18.65 18.63 -6.21
C GLY E 44 -18.28 20.07 -5.93
N VAL E 45 -19.18 21.00 -6.21
CA VAL E 45 -18.95 22.42 -5.97
C VAL E 45 -19.44 22.81 -4.58
N VAL E 46 -18.55 23.38 -3.78
CA VAL E 46 -18.88 23.79 -2.42
C VAL E 46 -19.85 24.97 -2.44
N VAL E 47 -21.01 24.81 -1.78
CA VAL E 47 -22.03 25.85 -1.74
C VAL E 47 -22.34 26.27 -0.31
N GLY E 48 -21.75 25.57 0.66
CA GLY E 48 -22.00 25.88 2.05
C GLY E 48 -21.03 25.19 2.99
N ARG E 49 -21.29 25.31 4.29
CA ARG E 49 -20.41 24.77 5.31
C ARG E 49 -21.22 24.33 6.52
N VAL E 50 -20.71 23.37 7.28
CA VAL E 50 -21.32 23.00 8.54
C VAL E 50 -20.98 24.06 9.59
N ALA E 51 -21.99 24.74 10.10
CA ALA E 51 -21.78 25.79 11.09
C ALA E 51 -21.68 25.20 12.49
N ASP E 52 -22.44 24.13 12.72
CA ASP E 52 -22.53 23.53 14.04
C ASP E 52 -23.11 22.12 13.99
N ILE E 53 -22.68 21.31 14.94
CA ILE E 53 -23.24 19.98 15.13
C ILE E 53 -23.53 19.84 16.61
N THR E 54 -24.78 19.55 16.94
CA THR E 54 -25.20 19.41 18.32
C THR E 54 -26.11 18.21 18.43
N LEU E 55 -26.04 17.53 19.55
CA LEU E 55 -26.92 16.40 19.80
C LEU E 55 -28.23 16.96 20.38
N ASP E 56 -29.35 16.56 19.78
CA ASP E 56 -30.65 17.01 20.24
C ASP E 56 -30.86 16.49 21.68
N PRO E 57 -31.13 17.40 22.63
CA PRO E 57 -31.14 16.99 24.04
C PRO E 57 -32.23 15.99 24.43
N LYS E 58 -33.33 15.97 23.70
CA LYS E 58 -34.46 15.13 24.06
C LYS E 58 -34.35 13.83 23.29
N THR E 59 -33.81 13.89 22.09
CA THR E 59 -33.66 12.70 21.29
C THR E 59 -32.20 12.21 21.20
N TYR E 60 -31.23 13.04 21.53
CA TYR E 60 -29.84 12.63 21.35
C TYR E 60 -29.56 12.28 19.86
N LEU E 61 -30.23 12.94 18.92
CA LEU E 61 -29.89 12.77 17.50
C LEU E 61 -29.04 13.94 17.03
N PRO E 62 -27.96 13.65 16.27
CA PRO E 62 -27.16 14.77 15.77
C PRO E 62 -27.96 15.73 14.90
N ARG E 63 -27.92 17.01 15.25
N ARG E 63 -27.92 17.01 15.25
CA ARG E 63 -28.53 18.04 14.44
CA ARG E 63 -28.55 18.06 14.47
C ARG E 63 -27.42 18.88 13.85
C ARG E 63 -27.48 18.97 13.86
N VAL E 64 -27.38 18.96 12.53
CA VAL E 64 -26.39 19.75 11.83
C VAL E 64 -26.99 21.09 11.44
N THR E 65 -26.23 22.16 11.71
CA THR E 65 -26.62 23.49 11.26
C THR E 65 -25.75 23.85 10.06
N LEU E 66 -26.41 24.09 8.92
CA LEU E 66 -25.71 24.41 7.69
C LEU E 66 -25.85 25.87 7.33
N GLU E 67 -24.78 26.44 6.79
CA GLU E 67 -24.82 27.77 6.20
C GLU E 67 -24.64 27.65 4.69
N ILE E 68 -25.70 27.96 3.96
CA ILE E 68 -25.72 27.87 2.51
C ILE E 68 -25.65 29.26 1.89
N GLU E 69 -24.85 29.44 0.85
CA GLU E 69 -24.74 30.72 0.18
C GLU E 69 -26.10 31.17 -0.34
N GLN E 70 -26.44 32.43 -0.09
CA GLN E 70 -27.77 32.94 -0.37
C GLN E 70 -28.11 32.88 -1.87
N ARG E 71 -27.07 32.88 -2.71
CA ARG E 71 -27.32 32.83 -4.15
C ARG E 71 -27.92 31.49 -4.56
N TYR E 72 -27.73 30.47 -3.72
CA TYR E 72 -28.35 29.17 -3.94
C TYR E 72 -29.54 28.99 -3.00
N ASN E 73 -30.58 29.80 -3.24
CA ASN E 73 -31.76 29.85 -2.38
C ASN E 73 -33.02 29.33 -3.07
N HIS E 74 -32.83 28.43 -4.03
CA HIS E 74 -33.94 27.78 -4.72
C HIS E 74 -33.80 26.27 -4.63
N ILE E 75 -33.43 25.81 -3.44
CA ILE E 75 -33.29 24.39 -3.17
C ILE E 75 -34.65 23.81 -2.76
N PRO E 76 -35.18 22.85 -3.55
CA PRO E 76 -36.48 22.24 -3.19
C PRO E 76 -36.39 21.47 -1.89
N ASP E 77 -37.49 21.45 -1.12
CA ASP E 77 -37.51 20.73 0.15
C ASP E 77 -37.50 19.23 -0.04
N THR E 78 -37.55 18.77 -1.29
CA THR E 78 -37.42 17.35 -1.61
C THR E 78 -35.96 16.94 -1.77
N SER E 79 -35.06 17.91 -1.61
CA SER E 79 -33.63 17.64 -1.74
C SER E 79 -33.16 16.77 -0.58
N SER E 80 -32.01 16.10 -0.77
CA SER E 80 -31.47 15.22 0.26
C SER E 80 -30.04 15.57 0.63
N LEU E 81 -29.62 15.11 1.80
CA LEU E 81 -28.26 15.29 2.26
C LEU E 81 -27.62 13.92 2.50
N SER E 82 -26.42 13.75 1.97
CA SER E 82 -25.67 12.52 2.14
C SER E 82 -24.27 12.82 2.64
N ILE E 83 -23.82 12.02 3.61
CA ILE E 83 -22.45 12.10 4.10
C ILE E 83 -21.55 11.28 3.19
N ARG E 84 -20.50 11.90 2.66
CA ARG E 84 -19.59 11.24 1.74
C ARG E 84 -18.14 11.60 2.06
N THR E 85 -17.22 10.86 1.45
CA THR E 85 -15.79 10.97 1.73
C THR E 85 -15.02 11.53 0.52
N SER E 86 -14.01 12.36 0.80
CA SER E 86 -13.15 12.90 -0.27
C SER E 86 -11.77 12.23 -0.27
N GLY E 87 -11.23 12.10 -1.48
CA GLY E 87 -10.00 11.37 -1.79
C GLY E 87 -9.13 10.68 -0.75
N LEU E 88 -7.92 11.20 -0.54
CA LEU E 88 -6.87 10.45 0.16
C LEU E 88 -6.86 10.53 1.68
N LEU E 89 -7.47 11.55 2.26
CA LEU E 89 -7.32 11.80 3.69
C LEU E 89 -8.57 11.39 4.46
N GLY E 90 -9.59 10.94 3.74
CA GLY E 90 -10.79 10.44 4.39
C GLY E 90 -11.64 11.57 4.92
N GLU E 91 -11.40 12.79 4.43
CA GLU E 91 -12.18 13.93 4.82
C GLU E 91 -13.63 13.75 4.40
N GLN E 92 -14.56 13.99 5.32
CA GLN E 92 -15.97 13.81 5.01
C GLN E 92 -16.64 15.14 4.73
N TYR E 93 -17.70 15.10 3.93
CA TYR E 93 -18.45 16.29 3.56
C TYR E 93 -19.92 15.94 3.35
N LEU E 94 -20.75 16.96 3.17
CA LEU E 94 -22.16 16.76 2.87
C LEU E 94 -22.45 16.99 1.40
N ALA E 95 -22.93 15.96 0.74
CA ALA E 95 -23.37 16.07 -0.65
C ALA E 95 -24.86 16.37 -0.66
N LEU E 96 -25.21 17.57 -1.12
CA LEU E 96 -26.60 17.97 -1.24
C LEU E 96 -27.10 17.61 -2.64
N ASN E 97 -28.08 16.72 -2.69
CA ASN E 97 -28.68 16.31 -3.95
C ASN E 97 -29.94 17.11 -4.21
N VAL E 98 -29.92 17.94 -5.24
CA VAL E 98 -31.05 18.80 -5.57
C VAL E 98 -32.27 17.92 -5.82
N GLY E 99 -33.33 18.16 -5.06
CA GLY E 99 -34.50 17.32 -5.09
C GLY E 99 -35.36 17.48 -6.33
N PHE E 100 -36.25 16.53 -6.53
CA PHE E 100 -37.16 16.54 -7.65
C PHE E 100 -38.21 17.60 -7.44
N GLU E 101 -38.49 18.35 -8.50
CA GLU E 101 -39.54 19.34 -8.48
C GLU E 101 -40.68 18.76 -9.29
N ASP E 102 -41.88 19.26 -9.08
CA ASP E 102 -43.05 18.67 -9.72
C ASP E 102 -43.88 19.78 -10.35
N PRO E 103 -43.86 19.86 -11.70
CA PRO E 103 -44.56 20.95 -12.37
C PRO E 103 -46.06 20.94 -12.06
N GLU E 104 -46.59 19.73 -11.87
CA GLU E 104 -48.00 19.56 -11.54
C GLU E 104 -48.38 20.09 -10.16
N LEU E 105 -47.60 19.72 -9.15
CA LEU E 105 -47.91 20.07 -7.76
C LEU E 105 -47.19 21.31 -7.22
N GLY E 106 -46.07 21.68 -7.85
CA GLY E 106 -45.32 22.84 -7.41
C GLY E 106 -44.64 22.66 -6.06
N THR E 107 -43.41 22.13 -6.08
CA THR E 107 -42.65 21.87 -4.86
C THR E 107 -42.16 23.15 -4.15
N ALA E 108 -42.29 23.15 -2.83
CA ALA E 108 -41.88 24.27 -1.99
C ALA E 108 -40.37 24.42 -1.86
N ILE E 109 -39.89 25.66 -1.91
CA ILE E 109 -38.47 25.97 -1.79
C ILE E 109 -38.05 26.18 -0.33
N LEU E 110 -36.86 25.68 0.01
CA LEU E 110 -36.30 25.86 1.33
C LEU E 110 -35.83 27.30 1.53
N LYS E 111 -36.25 27.91 2.64
CA LYS E 111 -35.84 29.27 2.97
C LYS E 111 -35.09 29.28 4.30
N ASP E 112 -34.55 30.44 4.67
CA ASP E 112 -33.76 30.58 5.90
C ASP E 112 -34.49 30.06 7.14
N GLY E 113 -33.85 29.11 7.81
CA GLY E 113 -34.38 28.54 9.04
C GLY E 113 -35.05 27.20 8.84
N ASP E 114 -35.22 26.79 7.59
CA ASP E 114 -35.89 25.53 7.27
C ASP E 114 -35.02 24.31 7.58
N THR E 115 -35.64 23.14 7.54
CA THR E 115 -34.95 21.88 7.81
C THR E 115 -35.00 20.96 6.59
N ILE E 116 -33.86 20.35 6.26
CA ILE E 116 -33.81 19.31 5.24
C ILE E 116 -34.23 17.97 5.83
N GLN E 117 -35.37 17.47 5.37
CA GLN E 117 -35.98 16.28 5.95
C GLN E 117 -35.31 14.98 5.49
N ASP E 118 -34.90 14.92 4.23
CA ASP E 118 -34.34 13.71 3.66
C ASP E 118 -32.84 13.68 3.88
N THR E 119 -32.37 12.76 4.71
CA THR E 119 -30.95 12.64 5.03
C THR E 119 -30.50 11.19 4.99
N LYS E 120 -29.24 10.99 4.62
CA LYS E 120 -28.65 9.66 4.57
C LYS E 120 -27.43 9.63 5.48
N SER E 121 -27.53 8.85 6.53
CA SER E 121 -26.47 8.74 7.53
C SER E 121 -25.35 7.82 7.06
N ALA E 122 -24.28 7.76 7.84
CA ALA E 122 -23.14 6.91 7.54
C ALA E 122 -23.15 5.68 8.44
N PRO F 20 -18.72 19.41 33.55
CA PRO F 20 -18.16 18.26 34.28
C PRO F 20 -18.66 16.93 33.73
N THR F 21 -18.46 15.84 34.48
CA THR F 21 -18.79 14.51 34.00
C THR F 21 -19.30 13.57 35.10
N TYR F 22 -19.89 12.45 34.68
CA TYR F 22 -20.26 11.38 35.61
C TYR F 22 -19.73 10.05 35.08
N THR F 23 -19.65 9.06 35.97
CA THR F 23 -18.97 7.80 35.66
C THR F 23 -19.93 6.67 35.29
N LEU F 24 -19.55 5.91 34.27
CA LEU F 24 -20.23 4.67 33.91
C LEU F 24 -19.20 3.59 33.67
N TYR F 25 -19.58 2.34 33.94
CA TYR F 25 -18.70 1.20 33.74
C TYR F 25 -19.26 0.28 32.66
N ALA F 26 -18.37 -0.46 32.02
CA ALA F 26 -18.77 -1.44 31.03
C ALA F 26 -17.72 -2.53 30.92
N THR F 27 -18.17 -3.78 30.88
CA THR F 27 -17.26 -4.91 30.77
C THR F 27 -17.29 -5.49 29.37
N PHE F 28 -16.11 -5.76 28.83
CA PHE F 28 -15.99 -6.40 27.53
C PHE F 28 -15.20 -7.69 27.67
N ASP F 29 -15.31 -8.56 26.68
CA ASP F 29 -14.47 -9.76 26.63
C ASP F 29 -13.09 -9.36 26.13
N ASN F 30 -13.08 -8.42 25.19
CA ASN F 30 -11.84 -7.91 24.63
C ASN F 30 -12.02 -6.47 24.17
N ILE F 31 -11.14 -5.59 24.64
CA ILE F 31 -11.24 -4.17 24.31
C ILE F 31 -10.48 -3.80 23.05
N GLY F 32 -9.72 -4.75 22.50
CA GLY F 32 -8.98 -4.52 21.27
C GLY F 32 -8.00 -3.36 21.40
N GLY F 33 -8.13 -2.39 20.50
CA GLY F 33 -7.24 -1.25 20.46
C GLY F 33 -7.68 -0.07 21.32
N LEU F 34 -8.72 -0.26 22.12
CA LEU F 34 -9.23 0.79 22.99
C LEU F 34 -8.17 1.19 24.02
N LYS F 35 -8.11 2.49 24.33
CA LYS F 35 -7.12 3.01 25.26
C LYS F 35 -7.72 4.12 26.11
N ALA F 36 -6.95 4.64 27.04
CA ALA F 36 -7.37 5.80 27.82
C ALA F 36 -7.61 6.97 26.90
N ARG F 37 -8.57 7.82 27.27
CA ARG F 37 -8.94 8.99 26.48
C ARG F 37 -9.57 8.65 25.12
N SER F 38 -9.84 7.37 24.87
CA SER F 38 -10.57 7.00 23.67
C SER F 38 -11.97 7.60 23.75
N PRO F 39 -12.48 8.13 22.63
CA PRO F 39 -13.76 8.84 22.71
C PRO F 39 -14.97 7.92 22.81
N VAL F 40 -16.00 8.40 23.52
CA VAL F 40 -17.31 7.77 23.52
C VAL F 40 -18.24 8.68 22.75
N SER F 41 -18.95 8.13 21.77
CA SER F 41 -19.78 8.96 20.90
C SER F 41 -21.19 8.41 20.75
N ILE F 42 -22.12 9.33 20.51
CA ILE F 42 -23.49 9.00 20.16
C ILE F 42 -23.80 9.62 18.80
N GLY F 43 -24.04 8.77 17.82
CA GLY F 43 -24.31 9.22 16.46
C GLY F 43 -23.15 10.00 15.89
N GLY F 44 -21.94 9.63 16.29
CA GLY F 44 -20.72 10.27 15.80
C GLY F 44 -20.32 11.48 16.62
N VAL F 45 -21.21 11.94 17.48
CA VAL F 45 -20.93 13.08 18.35
C VAL F 45 -20.33 12.60 19.67
N VAL F 46 -19.15 13.11 20.00
CA VAL F 46 -18.47 12.73 21.24
C VAL F 46 -19.23 13.27 22.44
N VAL F 47 -19.58 12.37 23.35
CA VAL F 47 -20.35 12.74 24.54
C VAL F 47 -19.61 12.40 25.82
N GLY F 48 -18.50 11.69 25.68
CA GLY F 48 -17.71 11.28 26.83
C GLY F 48 -16.39 10.71 26.37
N ARG F 49 -15.65 10.13 27.32
CA ARG F 49 -14.34 9.58 27.01
C ARG F 49 -14.00 8.40 27.91
N VAL F 50 -13.14 7.51 27.43
CA VAL F 50 -12.64 6.42 28.25
C VAL F 50 -11.66 7.00 29.25
N ALA F 51 -12.01 6.90 30.54
CA ALA F 51 -11.17 7.46 31.59
C ALA F 51 -10.08 6.48 31.99
N ASP F 52 -10.41 5.20 31.98
CA ASP F 52 -9.49 4.19 32.45
C ASP F 52 -9.95 2.79 32.03
N ILE F 53 -9.00 1.88 31.87
CA ILE F 53 -9.29 0.49 31.56
C ILE F 53 -8.54 -0.42 32.52
N THR F 54 -9.28 -1.31 33.17
CA THR F 54 -8.73 -2.20 34.17
C THR F 54 -9.27 -3.60 33.99
N LEU F 55 -8.46 -4.57 34.38
CA LEU F 55 -8.91 -5.94 34.41
C LEU F 55 -9.61 -6.14 35.75
N ASP F 56 -10.81 -6.68 35.72
CA ASP F 56 -11.57 -6.95 36.95
C ASP F 56 -10.81 -7.95 37.80
N PRO F 57 -10.50 -7.60 39.07
CA PRO F 57 -9.60 -8.44 39.88
C PRO F 57 -10.11 -9.84 40.16
N LYS F 58 -11.44 -10.01 40.14
CA LYS F 58 -12.04 -11.30 40.46
C LYS F 58 -12.34 -12.15 39.21
N THR F 59 -12.70 -11.50 38.11
CA THR F 59 -13.05 -12.23 36.87
C THR F 59 -11.97 -12.09 35.80
N TYR F 60 -11.07 -11.13 35.98
CA TYR F 60 -10.05 -10.83 34.96
C TYR F 60 -10.69 -10.50 33.61
N LEU F 61 -11.87 -9.88 33.64
CA LEU F 61 -12.49 -9.38 32.43
C LEU F 61 -12.24 -7.87 32.34
N PRO F 62 -11.88 -7.38 31.14
CA PRO F 62 -11.67 -5.93 31.01
C PRO F 62 -12.90 -5.11 31.38
N ARG F 63 -12.73 -4.16 32.29
CA ARG F 63 -13.77 -3.21 32.62
C ARG F 63 -13.33 -1.82 32.19
N VAL F 64 -14.15 -1.17 31.37
CA VAL F 64 -13.86 0.18 30.93
C VAL F 64 -14.60 1.17 31.82
N THR F 65 -13.87 2.19 32.26
CA THR F 65 -14.47 3.28 33.04
C THR F 65 -14.64 4.49 32.13
N LEU F 66 -15.89 4.93 31.98
CA LEU F 66 -16.22 6.04 31.10
C LEU F 66 -16.56 7.31 31.88
N GLU F 67 -16.13 8.44 31.36
CA GLU F 67 -16.56 9.74 31.87
C GLU F 67 -17.47 10.39 30.82
N ILE F 68 -18.75 10.52 31.16
CA ILE F 68 -19.74 11.09 30.25
C ILE F 68 -20.11 12.50 30.68
N GLU F 69 -20.18 13.41 29.72
CA GLU F 69 -20.56 14.79 30.01
C GLU F 69 -21.96 14.81 30.62
N GLN F 70 -22.10 15.58 31.70
CA GLN F 70 -23.30 15.56 32.52
C GLN F 70 -24.58 15.99 31.80
N ARG F 71 -24.43 16.77 30.74
CA ARG F 71 -25.60 17.22 29.98
C ARG F 71 -26.30 16.06 29.28
N TYR F 72 -25.57 14.96 29.11
CA TYR F 72 -26.13 13.75 28.51
C TYR F 72 -26.51 12.76 29.61
N ASN F 73 -27.51 13.11 30.40
CA ASN F 73 -27.90 12.33 31.57
C ASN F 73 -29.28 11.67 31.47
N HIS F 74 -29.70 11.39 30.24
N HIS F 74 -29.69 11.37 30.23
CA HIS F 74 -30.97 10.69 30.01
CA HIS F 74 -30.96 10.72 29.99
C HIS F 74 -30.72 9.47 29.14
C HIS F 74 -30.73 9.44 29.16
N ILE F 75 -29.62 8.76 29.42
CA ILE F 75 -29.28 7.55 28.69
C ILE F 75 -29.94 6.33 29.33
N PRO F 76 -30.81 5.63 28.58
CA PRO F 76 -31.45 4.43 29.14
C PRO F 76 -30.46 3.31 29.44
N ASP F 77 -30.72 2.52 30.46
CA ASP F 77 -29.85 1.41 30.83
C ASP F 77 -29.95 0.26 29.83
N THR F 78 -30.85 0.40 28.86
CA THR F 78 -30.98 -0.57 27.78
C THR F 78 -30.03 -0.23 26.63
N SER F 79 -29.27 0.85 26.79
CA SER F 79 -28.33 1.28 25.78
C SER F 79 -27.19 0.27 25.68
N SER F 80 -26.50 0.27 24.55
CA SER F 80 -25.40 -0.66 24.33
C SER F 80 -24.12 0.09 23.98
N LEU F 81 -23.00 -0.59 24.18
CA LEU F 81 -21.69 -0.05 23.81
C LEU F 81 -21.04 -0.97 22.81
N SER F 82 -20.52 -0.38 21.73
CA SER F 82 -19.84 -1.14 20.70
C SER F 82 -18.47 -0.54 20.43
N ILE F 83 -17.48 -1.39 20.30
CA ILE F 83 -16.16 -0.96 19.90
C ILE F 83 -16.14 -0.88 18.38
N ARG F 84 -15.80 0.29 17.86
CA ARG F 84 -15.80 0.52 16.42
C ARG F 84 -14.56 1.32 16.02
N THR F 85 -14.27 1.36 14.73
CA THR F 85 -13.08 2.02 14.22
C THR F 85 -13.43 3.24 13.37
N SER F 86 -12.68 4.32 13.57
CA SER F 86 -12.83 5.54 12.78
C SER F 86 -11.66 5.85 11.85
N GLY F 87 -11.96 6.48 10.72
CA GLY F 87 -11.00 6.86 9.69
C GLY F 87 -9.79 6.00 9.36
N LEU F 88 -8.74 6.66 8.87
CA LEU F 88 -7.61 6.02 8.21
C LEU F 88 -6.53 5.47 9.15
N LEU F 89 -6.54 5.89 10.40
CA LEU F 89 -5.44 5.58 11.30
C LEU F 89 -5.81 4.39 12.18
N GLY F 90 -7.02 3.87 11.98
CA GLY F 90 -7.45 2.68 12.70
C GLY F 90 -7.78 3.01 14.14
N GLU F 91 -8.02 4.28 14.41
CA GLU F 91 -8.40 4.72 15.75
C GLU F 91 -9.73 4.10 16.14
N GLN F 92 -9.78 3.54 17.35
CA GLN F 92 -10.98 2.89 17.85
C GLN F 92 -11.71 3.80 18.82
N TYR F 93 -13.03 3.61 18.91
CA TYR F 93 -13.86 4.39 19.81
C TYR F 93 -15.03 3.55 20.29
N LEU F 94 -15.77 4.09 21.25
CA LEU F 94 -16.97 3.44 21.76
C LEU F 94 -18.21 4.10 21.18
N ALA F 95 -19.00 3.33 20.46
CA ALA F 95 -20.27 3.80 19.96
C ALA F 95 -21.36 3.45 20.96
N LEU F 96 -21.91 4.47 21.59
CA LEU F 96 -23.02 4.27 22.52
C LEU F 96 -24.31 4.38 21.73
N ASN F 97 -25.02 3.27 21.62
N ASN F 97 -25.02 3.27 21.61
CA ASN F 97 -26.31 3.25 20.94
CA ASN F 97 -26.31 3.23 20.93
C ASN F 97 -27.43 3.39 21.95
C ASN F 97 -27.43 3.38 21.94
N VAL F 98 -28.11 4.53 21.91
CA VAL F 98 -29.19 4.80 22.85
C VAL F 98 -30.28 3.75 22.68
N GLY F 99 -30.55 3.00 23.74
CA GLY F 99 -31.51 1.93 23.61
C GLY F 99 -32.88 2.54 23.61
N PHE F 100 -33.83 1.84 23.02
CA PHE F 100 -35.20 2.29 22.97
C PHE F 100 -35.89 1.96 24.30
N GLU F 101 -36.64 2.92 24.82
CA GLU F 101 -37.48 2.74 25.99
C GLU F 101 -38.95 2.93 25.63
N ASP F 102 -39.84 2.45 26.49
CA ASP F 102 -41.28 2.49 26.22
C ASP F 102 -41.94 3.06 27.48
N PRO F 103 -42.51 4.29 27.39
CA PRO F 103 -43.06 4.98 28.56
C PRO F 103 -44.10 4.20 29.36
N GLU F 104 -44.85 3.33 28.71
CA GLU F 104 -45.82 2.50 29.43
C GLU F 104 -45.04 1.58 30.36
N LEU F 105 -43.89 1.10 29.90
CA LEU F 105 -43.08 0.16 30.68
C LEU F 105 -42.07 0.87 31.58
N GLY F 106 -41.70 2.09 31.22
CA GLY F 106 -40.82 2.91 32.04
C GLY F 106 -39.41 2.40 32.23
N THR F 107 -38.52 2.68 31.27
CA THR F 107 -37.12 2.26 31.38
C THR F 107 -36.32 3.14 32.34
N ALA F 108 -35.49 2.51 33.16
CA ALA F 108 -34.62 3.21 34.12
C ALA F 108 -33.44 3.90 33.43
N ILE F 109 -33.12 5.12 33.89
CA ILE F 109 -32.01 5.90 33.35
C ILE F 109 -30.69 5.61 34.05
N LEU F 110 -29.60 5.60 33.28
CA LEU F 110 -28.26 5.38 33.82
C LEU F 110 -27.80 6.57 34.66
N LYS F 111 -27.30 6.26 35.86
CA LYS F 111 -26.81 7.28 36.79
C LYS F 111 -25.32 7.11 37.06
N ASP F 112 -24.74 8.08 37.77
CA ASP F 112 -23.33 8.02 38.15
C ASP F 112 -23.00 6.73 38.89
N GLY F 113 -22.08 5.95 38.35
CA GLY F 113 -21.64 4.72 38.98
C GLY F 113 -22.32 3.49 38.42
N ASP F 114 -23.30 3.69 37.56
CA ASP F 114 -24.04 2.58 36.98
C ASP F 114 -23.19 1.86 35.93
N THR F 115 -23.66 0.69 35.51
CA THR F 115 -22.95 -0.13 34.53
C THR F 115 -23.78 -0.32 33.27
N ILE F 116 -23.15 -0.15 32.12
CA ILE F 116 -23.78 -0.50 30.85
C ILE F 116 -23.56 -1.99 30.66
N GLN F 117 -24.64 -2.75 30.76
CA GLN F 117 -24.54 -4.20 30.79
C GLN F 117 -24.36 -4.78 29.39
N ASP F 118 -25.00 -4.16 28.41
CA ASP F 118 -24.99 -4.67 27.06
C ASP F 118 -23.80 -4.10 26.28
N THR F 119 -22.86 -4.98 25.96
CA THR F 119 -21.64 -4.59 25.26
C THR F 119 -21.30 -5.54 24.12
N LYS F 120 -20.65 -5.00 23.10
CA LYS F 120 -20.16 -5.80 21.98
C LYS F 120 -18.67 -5.56 21.83
N SER F 121 -17.91 -6.62 22.04
CA SER F 121 -16.45 -6.60 22.01
C SER F 121 -15.92 -6.61 20.58
N ALA F 122 -14.60 -6.52 20.48
CA ALA F 122 -13.92 -6.55 19.19
C ALA F 122 -13.29 -7.92 18.97
N ARG G 17 7.54 5.45 39.32
CA ARG G 17 8.57 4.45 39.08
C ARG G 17 8.02 3.42 38.11
N THR G 18 8.75 2.33 37.96
CA THR G 18 8.32 1.19 37.15
C THR G 18 7.47 0.29 38.02
N GLU G 19 6.48 -0.34 37.41
CA GLU G 19 5.52 -1.18 38.11
C GLU G 19 6.14 -2.54 38.45
N PRO G 20 5.96 -3.01 39.71
CA PRO G 20 6.56 -4.29 40.09
C PRO G 20 5.99 -5.45 39.29
N THR G 21 6.81 -6.50 39.11
CA THR G 21 6.44 -7.62 38.28
C THR G 21 6.96 -8.94 38.85
N TYR G 22 6.44 -10.04 38.34
CA TYR G 22 6.96 -11.37 38.64
C TYR G 22 7.16 -12.14 37.34
N THR G 23 7.95 -13.21 37.40
CA THR G 23 8.39 -13.91 36.21
C THR G 23 7.59 -15.18 35.94
N LEU G 24 7.27 -15.38 34.67
CA LEU G 24 6.70 -16.63 34.19
C LEU G 24 7.43 -17.06 32.93
N TYR G 25 7.50 -18.37 32.69
CA TYR G 25 8.14 -18.90 31.51
C TYR G 25 7.12 -19.62 30.63
N ALA G 26 7.41 -19.70 29.34
CA ALA G 26 6.56 -20.42 28.41
C ALA G 26 7.38 -20.90 27.22
N THR G 27 7.13 -22.13 26.80
CA THR G 27 7.83 -22.70 25.66
C THR G 27 6.91 -22.78 24.45
N PHE G 28 7.43 -22.35 23.30
CA PHE G 28 6.72 -22.42 22.03
C PHE G 28 7.53 -23.25 21.04
N ASP G 29 6.89 -23.66 19.95
CA ASP G 29 7.60 -24.30 18.86
C ASP G 29 8.30 -23.24 18.01
N ASN G 30 7.64 -22.10 17.85
CA ASN G 30 8.16 -20.98 17.07
C ASN G 30 7.59 -19.67 17.61
N ILE G 31 8.47 -18.73 17.94
CA ILE G 31 8.04 -17.46 18.53
C ILE G 31 7.74 -16.39 17.46
N GLY G 32 8.01 -16.70 16.20
CA GLY G 32 7.69 -15.78 15.11
C GLY G 32 8.32 -14.41 15.23
N GLY G 33 7.49 -13.37 15.18
CA GLY G 33 7.97 -12.01 15.24
C GLY G 33 8.05 -11.46 16.65
N LEU G 34 7.82 -12.33 17.63
CA LEU G 34 7.89 -11.94 19.03
C LEU G 34 9.32 -11.52 19.38
N LYS G 35 9.44 -10.47 20.17
CA LYS G 35 10.75 -9.94 20.56
C LYS G 35 10.66 -9.38 21.97
N ALA G 36 11.79 -8.91 22.49
CA ALA G 36 11.81 -8.26 23.80
C ALA G 36 10.86 -7.07 23.79
N ARG G 37 10.26 -6.79 24.95
CA ARG G 37 9.29 -5.71 25.11
C ARG G 37 7.99 -5.96 24.36
N SER G 38 7.84 -7.13 23.73
CA SER G 38 6.55 -7.48 23.13
C SER G 38 5.53 -7.63 24.26
N PRO G 39 4.32 -7.09 24.07
CA PRO G 39 3.36 -7.07 25.17
C PRO G 39 2.64 -8.41 25.40
N VAL G 40 2.28 -8.64 26.66
CA VAL G 40 1.41 -9.74 27.05
C VAL G 40 0.08 -9.12 27.48
N SER G 41 -1.03 -9.60 26.91
CA SER G 41 -2.33 -9.00 27.18
C SER G 41 -3.41 -10.02 27.55
N ILE G 42 -4.35 -9.57 28.37
CA ILE G 42 -5.56 -10.32 28.68
C ILE G 42 -6.78 -9.52 28.25
N GLY G 43 -7.51 -10.05 27.29
CA GLY G 43 -8.68 -9.34 26.75
C GLY G 43 -8.28 -8.00 26.17
N GLY G 44 -7.07 -7.94 25.63
CA GLY G 44 -6.59 -6.72 24.99
C GLY G 44 -5.89 -5.79 25.96
N VAL G 45 -6.02 -6.05 27.25
CA VAL G 45 -5.37 -5.22 28.27
C VAL G 45 -3.99 -5.76 28.56
N VAL G 46 -2.98 -4.91 28.39
CA VAL G 46 -1.60 -5.30 28.62
C VAL G 46 -1.35 -5.51 30.10
N VAL G 47 -0.86 -6.70 30.44
CA VAL G 47 -0.61 -7.07 31.83
C VAL G 47 0.85 -7.43 32.06
N GLY G 48 1.62 -7.52 30.98
CA GLY G 48 3.02 -7.86 31.09
C GLY G 48 3.77 -7.66 29.78
N ARG G 49 5.02 -8.08 29.76
N ARG G 49 5.03 -8.05 29.76
CA ARG G 49 5.88 -7.90 28.60
CA ARG G 49 5.83 -7.93 28.54
C ARG G 49 6.92 -9.01 28.48
C ARG G 49 6.92 -9.00 28.47
N VAL G 50 7.39 -9.25 27.24
CA VAL G 50 8.47 -10.19 27.02
C VAL G 50 9.78 -9.58 27.47
N ALA G 51 10.40 -10.19 28.48
CA ALA G 51 11.66 -9.70 29.01
C ALA G 51 12.83 -10.26 28.23
N ASP G 52 12.70 -11.50 27.77
CA ASP G 52 13.79 -12.18 27.10
C ASP G 52 13.30 -13.42 26.35
N ILE G 53 13.99 -13.77 25.28
CA ILE G 53 13.71 -14.99 24.53
C ILE G 53 15.01 -15.76 24.30
N THR G 54 15.03 -17.02 24.73
CA THR G 54 16.20 -17.86 24.63
C THR G 54 15.82 -19.27 24.21
N LEU G 55 16.73 -19.93 23.50
CA LEU G 55 16.54 -21.33 23.15
C LEU G 55 17.00 -22.23 24.28
N ASP G 56 16.13 -23.14 24.68
CA ASP G 56 16.46 -24.13 25.68
C ASP G 56 17.55 -25.09 25.21
N PRO G 57 18.67 -25.17 25.94
CA PRO G 57 19.83 -25.94 25.46
C PRO G 57 19.58 -27.46 25.34
N LYS G 58 18.64 -28.00 26.10
CA LYS G 58 18.41 -29.44 26.14
C LYS G 58 17.34 -29.86 25.13
N THR G 59 16.34 -29.00 24.91
CA THR G 59 15.22 -29.31 24.00
C THR G 59 15.28 -28.54 22.68
N TYR G 60 16.09 -27.49 22.64
CA TYR G 60 16.18 -26.61 21.47
C TYR G 60 14.82 -26.01 21.09
N LEU G 61 13.98 -25.83 22.11
CA LEU G 61 12.70 -25.14 21.94
C LEU G 61 12.78 -23.72 22.50
N PRO G 62 12.21 -22.73 21.77
CA PRO G 62 12.21 -21.36 22.29
C PRO G 62 11.50 -21.21 23.64
N ARG G 63 12.18 -20.61 24.61
CA ARG G 63 11.58 -20.28 25.90
C ARG G 63 11.48 -18.77 26.06
N VAL G 64 10.26 -18.29 26.31
N VAL G 64 10.26 -18.28 26.29
CA VAL G 64 10.00 -16.88 26.53
CA VAL G 64 10.05 -16.86 26.51
C VAL G 64 9.96 -16.58 28.03
C VAL G 64 9.97 -16.57 28.01
N THR G 65 10.64 -15.52 28.43
CA THR G 65 10.58 -15.06 29.82
C THR G 65 9.66 -13.85 29.87
N LEU G 66 8.58 -13.98 30.66
CA LEU G 66 7.59 -12.92 30.77
C LEU G 66 7.69 -12.21 32.12
N GLU G 67 7.49 -10.90 32.08
CA GLU G 67 7.34 -10.12 33.29
C GLU G 67 5.90 -9.66 33.39
N ILE G 68 5.18 -10.20 34.37
CA ILE G 68 3.77 -9.89 34.57
C ILE G 68 3.61 -8.96 35.76
N GLU G 69 2.76 -7.95 35.62
CA GLU G 69 2.49 -7.01 36.70
C GLU G 69 1.95 -7.71 37.94
N GLN G 70 2.48 -7.35 39.10
CA GLN G 70 2.21 -8.07 40.34
C GLN G 70 0.74 -8.07 40.72
N ARG G 71 0.01 -7.06 40.28
CA ARG G 71 -1.42 -6.98 40.58
C ARG G 71 -2.21 -8.10 39.90
N TYR G 72 -1.63 -8.66 38.84
CA TYR G 72 -2.24 -9.80 38.15
C TYR G 72 -1.55 -11.09 38.54
N ASN G 73 -1.66 -11.47 39.81
CA ASN G 73 -0.97 -12.65 40.33
C ASN G 73 -1.94 -13.75 40.77
N HIS G 74 -3.11 -13.78 40.15
CA HIS G 74 -4.09 -14.82 40.39
C HIS G 74 -4.47 -15.49 39.08
N ILE G 75 -3.44 -15.73 38.27
CA ILE G 75 -3.60 -16.43 36.99
C ILE G 75 -3.51 -17.94 37.24
N PRO G 76 -4.60 -18.68 36.94
CA PRO G 76 -4.57 -20.13 37.13
C PRO G 76 -3.55 -20.81 36.21
N ASP G 77 -2.94 -21.90 36.66
CA ASP G 77 -1.96 -22.60 35.84
C ASP G 77 -2.60 -23.32 34.65
N THR G 78 -3.93 -23.26 34.57
CA THR G 78 -4.66 -23.81 33.43
C THR G 78 -4.76 -22.80 32.29
N SER G 79 -4.20 -21.60 32.50
CA SER G 79 -4.21 -20.57 31.48
C SER G 79 -3.33 -20.94 30.30
N SER G 80 -3.57 -20.33 29.14
CA SER G 80 -2.80 -20.59 27.94
C SER G 80 -2.23 -19.30 27.34
N LEU G 81 -1.20 -19.46 26.52
CA LEU G 81 -0.60 -18.35 25.78
C LEU G 81 -0.67 -18.58 24.28
N SER G 82 -1.09 -17.55 23.56
CA SER G 82 -1.18 -17.61 22.10
C SER G 82 -0.44 -16.43 21.49
N ILE G 83 0.32 -16.68 20.44
CA ILE G 83 0.97 -15.62 19.67
C ILE G 83 0.00 -15.08 18.63
N ARG G 84 -0.24 -13.78 18.66
CA ARG G 84 -1.18 -13.14 17.75
C ARG G 84 -0.67 -11.78 17.27
N THR G 85 -1.32 -11.24 16.24
CA THR G 85 -0.89 -10.00 15.60
C THR G 85 -1.88 -8.85 15.80
N SER G 86 -1.35 -7.64 15.99
CA SER G 86 -2.16 -6.43 16.11
C SER G 86 -2.05 -5.55 14.86
N GLY G 87 -3.15 -4.85 14.57
CA GLY G 87 -3.36 -4.05 13.38
C GLY G 87 -2.32 -3.86 12.27
N LEU G 88 -1.95 -2.60 12.01
CA LEU G 88 -1.24 -2.24 10.78
C LEU G 88 0.27 -2.40 10.79
N LEU G 89 0.88 -2.51 11.97
CA LEU G 89 2.32 -2.46 12.06
C LEU G 89 2.88 -3.87 12.17
N GLY G 90 1.99 -4.86 12.23
CA GLY G 90 2.39 -6.25 12.23
C GLY G 90 3.04 -6.63 13.54
N GLU G 91 2.81 -5.82 14.57
CA GLU G 91 3.36 -6.11 15.88
C GLU G 91 2.72 -7.40 16.40
N GLN G 92 3.55 -8.30 16.92
CA GLN G 92 3.02 -9.54 17.49
C GLN G 92 3.01 -9.40 19.00
N TYR G 93 2.11 -10.13 19.64
CA TYR G 93 1.98 -10.09 21.09
C TYR G 93 1.53 -11.43 21.61
N LEU G 94 1.55 -11.58 22.93
CA LEU G 94 1.08 -12.80 23.57
C LEU G 94 -0.30 -12.58 24.16
N ALA G 95 -1.27 -13.35 23.68
CA ALA G 95 -2.61 -13.33 24.24
C ALA G 95 -2.70 -14.39 25.32
N LEU G 96 -2.83 -13.96 26.56
CA LEU G 96 -2.98 -14.86 27.68
C LEU G 96 -4.45 -15.13 27.94
N ASN G 97 -4.85 -16.38 27.75
N ASN G 97 -4.85 -16.37 27.72
CA ASN G 97 -6.23 -16.80 27.98
CA ASN G 97 -6.23 -16.79 28.00
C ASN G 97 -6.40 -17.41 29.37
C ASN G 97 -6.34 -17.36 29.41
N VAL G 98 -7.15 -16.72 30.23
CA VAL G 98 -7.34 -17.15 31.61
C VAL G 98 -8.05 -18.50 31.71
N GLY G 99 -7.38 -19.43 32.39
CA GLY G 99 -7.85 -20.79 32.55
C GLY G 99 -8.95 -20.96 33.59
N PHE G 100 -9.59 -22.13 33.58
CA PHE G 100 -10.64 -22.48 34.54
C PHE G 100 -10.03 -22.76 35.93
N GLU G 101 -10.67 -22.25 36.98
CA GLU G 101 -10.23 -22.53 38.34
C GLU G 101 -11.19 -23.40 39.16
N ASP G 102 -10.61 -24.02 40.19
CA ASP G 102 -11.31 -24.95 41.10
C ASP G 102 -10.28 -25.57 42.05
N PRO G 103 -10.19 -25.05 43.29
CA PRO G 103 -9.20 -25.56 44.26
C PRO G 103 -9.41 -27.02 44.63
N GLU G 104 -10.67 -27.47 44.60
CA GLU G 104 -11.03 -28.85 44.90
C GLU G 104 -10.40 -29.79 43.88
N LEU G 105 -10.35 -29.33 42.64
CA LEU G 105 -9.82 -30.12 41.52
C LEU G 105 -8.31 -29.89 41.47
N GLY G 106 -7.82 -29.04 42.37
CA GLY G 106 -6.42 -28.71 42.50
C GLY G 106 -5.82 -27.75 41.49
N THR G 107 -6.64 -26.83 40.97
CA THR G 107 -6.16 -25.81 40.05
C THR G 107 -5.33 -24.76 40.79
N ALA G 108 -4.01 -24.92 40.76
CA ALA G 108 -3.08 -24.01 41.42
C ALA G 108 -2.92 -22.66 40.71
N ILE G 109 -2.59 -21.63 41.48
CA ILE G 109 -2.31 -20.30 40.94
C ILE G 109 -0.84 -20.19 40.56
N LEU G 110 -0.56 -19.52 39.45
CA LEU G 110 0.82 -19.32 39.00
C LEU G 110 1.59 -18.33 39.88
N LYS G 111 2.80 -18.73 40.27
CA LYS G 111 3.68 -17.90 41.08
C LYS G 111 4.95 -17.52 40.31
N ASP G 112 5.73 -16.64 40.91
CA ASP G 112 7.00 -16.20 40.33
C ASP G 112 7.89 -17.39 40.01
N GLY G 113 8.27 -17.53 38.74
CA GLY G 113 9.17 -18.60 38.32
C GLY G 113 8.46 -19.78 37.70
N ASP G 114 7.13 -19.78 37.76
CA ASP G 114 6.33 -20.88 37.22
C ASP G 114 6.32 -20.84 35.70
N THR G 115 5.83 -21.93 35.10
CA THR G 115 5.74 -22.05 33.65
C THR G 115 4.29 -22.22 33.21
N ILE G 116 3.91 -21.49 32.16
CA ILE G 116 2.62 -21.70 31.52
C ILE G 116 2.78 -22.87 30.55
N GLN G 117 2.09 -23.97 30.85
CA GLN G 117 2.32 -25.23 30.16
C GLN G 117 1.64 -25.23 28.78
N ASP G 118 0.46 -24.63 28.71
N ASP G 118 0.43 -24.67 28.72
CA ASP G 118 -0.34 -24.63 27.47
CA ASP G 118 -0.33 -24.59 27.48
C ASP G 118 0.00 -23.43 26.60
C ASP G 118 0.12 -23.41 26.65
N THR G 119 0.57 -23.69 25.42
CA THR G 119 0.98 -22.63 24.49
C THR G 119 0.55 -22.94 23.07
N LYS G 120 0.28 -21.89 22.30
CA LYS G 120 -0.11 -22.03 20.90
C LYS G 120 0.84 -21.19 20.07
N SER G 121 1.64 -21.81 19.21
CA SER G 121 2.57 -21.05 18.38
C SER G 121 1.87 -20.44 17.18
N ALA G 122 2.57 -19.60 16.43
CA ALA G 122 2.02 -18.96 15.24
C ALA G 122 3.13 -18.58 14.27
#